data_1JZN
#
_entry.id   1JZN
#
_cell.length_a   63.309
_cell.length_b   178.486
_cell.length_c   137.832
_cell.angle_alpha   90.00
_cell.angle_beta   90.00
_cell.angle_gamma   90.00
#
_symmetry.space_group_name_H-M   'C 2 2 21'
#
loop_
_entity.id
_entity.type
_entity.pdbx_description
1 polymer 'Galactose-specific lectin'
2 branched beta-D-galactopyranose-(1-4)-beta-D-glucopyranose
3 non-polymer 'CALCIUM ION'
4 non-polymer 'SODIUM ION'
5 non-polymer 'CHLORIDE ION'
6 water water
#
_entity_poly.entity_id   1
_entity_poly.type   'polypeptide(L)'
_entity_poly.pdbx_seq_one_letter_code
;NNCPLDWLPMNGLCYKIFNQLKTWEDAEMFCRKYKPGCHLASFHRYGESLEIAEYISDYHKGQENVWIGLRDKKKDFSWE
WTDRSCTDYLTWDKNQPDHYQNKEFCVELVSLTGYRLWNDQVCESKDAFLCQCKF
;
_entity_poly.pdbx_strand_id   A,B,C,D,E
#
loop_
_chem_comp.id
_chem_comp.type
_chem_comp.name
_chem_comp.formula
BGC D-saccharide, beta linking beta-D-glucopyranose 'C6 H12 O6'
CA non-polymer 'CALCIUM ION' 'Ca 2'
CL non-polymer 'CHLORIDE ION' 'Cl -1'
GAL D-saccharide, beta linking beta-D-galactopyranose 'C6 H12 O6'
NA non-polymer 'SODIUM ION' 'Na 1'
#
# COMPACT_ATOMS: atom_id res chain seq x y z
N ASN A 1 -5.14 3.15 0.88
CA ASN A 1 -5.68 4.03 -0.20
C ASN A 1 -4.53 4.78 -0.89
N ASN A 2 -4.76 5.19 -2.12
CA ASN A 2 -3.73 5.88 -2.90
C ASN A 2 -3.82 7.41 -2.84
N CYS A 3 -5.04 7.92 -2.74
CA CYS A 3 -5.28 9.36 -2.72
C CYS A 3 -6.29 9.73 -1.63
N PRO A 4 -6.42 11.03 -1.31
CA PRO A 4 -7.41 11.42 -0.28
C PRO A 4 -8.76 11.21 -0.97
N LEU A 5 -9.82 11.16 -0.19
CA LEU A 5 -11.18 10.96 -0.70
C LEU A 5 -11.62 12.02 -1.72
N ASP A 6 -11.11 13.24 -1.54
CA ASP A 6 -11.47 14.38 -2.39
C ASP A 6 -10.73 14.43 -3.75
N TRP A 7 -9.86 13.44 -3.97
CA TRP A 7 -9.08 13.39 -5.20
C TRP A 7 -9.37 12.16 -6.07
N LEU A 8 -9.09 12.29 -7.35
CA LEU A 8 -9.31 11.20 -8.31
C LEU A 8 -8.01 10.43 -8.57
N PRO A 9 -7.95 9.14 -8.18
CA PRO A 9 -6.73 8.34 -8.42
C PRO A 9 -6.75 7.84 -9.87
N MET A 10 -5.63 8.02 -10.58
CA MET A 10 -5.54 7.56 -11.96
C MET A 10 -4.08 7.22 -12.27
N ASN A 11 -3.86 5.99 -12.72
CA ASN A 11 -2.54 5.48 -13.10
C ASN A 11 -1.42 5.92 -12.17
N GLY A 12 -1.62 5.76 -10.86
CA GLY A 12 -0.57 6.12 -9.91
C GLY A 12 -0.50 7.54 -9.35
N LEU A 13 -1.22 8.49 -9.94
CA LEU A 13 -1.20 9.85 -9.44
C LEU A 13 -2.61 10.27 -8.96
N CYS A 14 -2.71 11.46 -8.37
CA CYS A 14 -3.99 11.95 -7.87
C CYS A 14 -4.31 13.26 -8.54
N TYR A 15 -5.56 13.42 -8.98
CA TYR A 15 -6.01 14.63 -9.66
C TYR A 15 -7.20 15.31 -8.96
N LYS A 16 -7.23 16.64 -9.02
CA LYS A 16 -8.32 17.40 -8.42
C LYS A 16 -8.56 18.67 -9.24
N ILE A 17 -9.83 18.91 -9.58
CA ILE A 17 -10.18 20.11 -10.32
C ILE A 17 -10.43 21.21 -9.30
N PHE A 18 -9.81 22.37 -9.52
CA PHE A 18 -10.00 23.51 -8.64
C PHE A 18 -10.82 24.49 -9.45
N ASN A 19 -11.90 24.97 -8.85
CA ASN A 19 -12.81 25.87 -9.51
C ASN A 19 -12.44 27.35 -9.41
N GLN A 20 -11.47 27.69 -8.58
CA GLN A 20 -11.01 29.09 -8.49
C GLN A 20 -10.40 29.49 -9.86
N LEU A 21 -10.66 30.72 -10.30
CA LEU A 21 -10.16 31.22 -11.58
C LEU A 21 -8.78 31.84 -11.45
N LYS A 22 -7.85 31.39 -12.30
CA LYS A 22 -6.50 31.93 -12.23
C LYS A 22 -5.84 31.90 -13.58
N THR A 23 -4.76 32.70 -13.72
CA THR A 23 -3.99 32.70 -14.96
C THR A 23 -3.26 31.35 -14.95
N TRP A 24 -2.69 30.96 -16.07
CA TRP A 24 -1.98 29.70 -16.14
C TRP A 24 -0.78 29.64 -15.16
N GLU A 25 -0.01 30.71 -15.09
CA GLU A 25 1.16 30.78 -14.21
C GLU A 25 0.73 30.64 -12.74
N ASP A 26 -0.30 31.38 -12.33
CA ASP A 26 -0.79 31.30 -10.95
C ASP A 26 -1.38 29.94 -10.65
N ALA A 27 -1.94 29.29 -11.67
CA ALA A 27 -2.51 27.97 -11.46
C ALA A 27 -1.37 26.99 -11.22
N GLU A 28 -0.33 27.01 -12.07
CA GLU A 28 0.82 26.12 -11.88
C GLU A 28 1.48 26.32 -10.50
N MET A 29 1.73 27.57 -10.11
CA MET A 29 2.35 27.84 -8.81
C MET A 29 1.41 27.43 -7.65
N PHE A 30 0.10 27.59 -7.83
CA PHE A 30 -0.82 27.16 -6.76
C PHE A 30 -0.64 25.63 -6.58
N CYS A 31 -0.66 24.86 -7.68
CA CYS A 31 -0.49 23.41 -7.54
C CYS A 31 0.85 23.05 -6.85
N ARG A 32 1.93 23.72 -7.25
CA ARG A 32 3.24 23.44 -6.65
C ARG A 32 3.26 23.73 -5.16
N LYS A 33 2.65 24.83 -4.76
CA LYS A 33 2.64 25.16 -3.34
C LYS A 33 1.50 24.51 -2.57
N TYR A 34 0.64 23.74 -3.24
CA TYR A 34 -0.47 23.09 -2.53
C TYR A 34 0.11 22.07 -1.56
N LYS A 35 1.07 21.30 -2.04
CA LYS A 35 1.78 20.31 -1.24
C LYS A 35 2.94 19.85 -2.12
N PRO A 36 4.03 19.32 -1.53
CA PRO A 36 5.18 18.87 -2.34
C PRO A 36 4.82 17.76 -3.32
N GLY A 37 5.28 17.87 -4.56
CA GLY A 37 5.00 16.83 -5.53
C GLY A 37 3.76 17.05 -6.38
N CYS A 38 3.42 18.30 -6.66
CA CYS A 38 2.25 18.58 -7.48
C CYS A 38 2.55 19.57 -8.60
N HIS A 39 1.73 19.49 -9.65
CA HIS A 39 1.82 20.36 -10.81
C HIS A 39 0.45 20.38 -11.47
N LEU A 40 0.29 21.24 -12.47
CA LEU A 40 -0.91 21.20 -13.28
C LEU A 40 -0.75 19.83 -13.98
N ALA A 41 -1.87 19.25 -14.37
CA ALA A 41 -1.91 17.92 -14.95
C ALA A 41 -1.33 17.70 -16.34
N SER A 42 -0.72 16.53 -16.51
CA SER A 42 -0.18 16.10 -17.82
C SER A 42 -1.04 14.88 -18.24
N PHE A 43 -1.15 14.67 -19.55
CA PHE A 43 -1.94 13.57 -20.14
C PHE A 43 -1.04 12.74 -21.06
N HIS A 44 -1.25 11.42 -21.04
CA HIS A 44 -0.43 10.52 -21.85
C HIS A 44 -1.18 9.44 -22.65
N ARG A 45 -2.50 9.37 -22.48
CA ARG A 45 -3.27 8.36 -23.21
C ARG A 45 -4.72 8.82 -23.33
N TYR A 46 -5.41 8.34 -24.36
CA TYR A 46 -6.81 8.72 -24.59
C TYR A 46 -7.73 8.40 -23.42
N GLY A 47 -7.48 7.28 -22.75
CA GLY A 47 -8.32 6.93 -21.60
C GLY A 47 -8.29 8.02 -20.55
N GLU A 48 -7.10 8.57 -20.31
CA GLU A 48 -6.96 9.65 -19.32
C GLU A 48 -7.78 10.87 -19.71
N SER A 49 -7.77 11.25 -20.99
CA SER A 49 -8.55 12.40 -21.45
C SER A 49 -10.04 12.17 -21.18
N LEU A 50 -10.51 10.97 -21.53
CA LEU A 50 -11.90 10.62 -21.34
C LEU A 50 -12.27 10.56 -19.84
N GLU A 51 -11.43 9.93 -19.02
CA GLU A 51 -11.72 9.85 -17.58
C GLU A 51 -11.69 11.27 -16.95
N ILE A 52 -10.69 12.06 -17.28
CA ILE A 52 -10.59 13.41 -16.74
C ILE A 52 -11.75 14.28 -17.19
N ALA A 53 -12.10 14.16 -18.46
CA ALA A 53 -13.18 14.96 -19.03
C ALA A 53 -14.49 14.75 -18.26
N GLU A 54 -14.80 13.49 -17.98
CA GLU A 54 -16.04 13.13 -17.26
C GLU A 54 -15.94 13.58 -15.79
N TYR A 55 -14.76 13.39 -15.19
CA TYR A 55 -14.56 13.82 -13.82
C TYR A 55 -14.84 15.32 -13.69
N ILE A 56 -14.28 16.14 -14.58
CA ILE A 56 -14.48 17.58 -14.50
C ILE A 56 -15.95 17.97 -14.69
N SER A 57 -16.59 17.33 -15.66
CA SER A 57 -18.01 17.58 -15.94
C SER A 57 -18.83 17.31 -14.68
N ASP A 58 -18.48 16.26 -13.95
CA ASP A 58 -19.20 15.93 -12.74
C ASP A 58 -18.91 16.82 -11.55
N TYR A 59 -17.64 17.22 -11.39
CA TYR A 59 -17.27 18.01 -10.24
C TYR A 59 -16.95 19.51 -10.49
N HIS A 60 -17.14 19.96 -11.73
CA HIS A 60 -16.92 21.36 -12.10
C HIS A 60 -18.09 21.82 -12.98
N LYS A 61 -19.01 22.56 -12.40
CA LYS A 61 -20.15 23.04 -13.16
C LYS A 61 -19.82 24.41 -13.75
N GLY A 62 -20.55 24.82 -14.78
CA GLY A 62 -20.26 26.10 -15.39
C GLY A 62 -19.57 25.93 -16.74
N GLN A 63 -19.37 27.04 -17.42
CA GLN A 63 -18.75 27.03 -18.73
C GLN A 63 -17.27 27.43 -18.75
N GLU A 64 -16.61 27.57 -17.60
CA GLU A 64 -15.19 27.98 -17.61
C GLU A 64 -14.28 26.89 -18.13
N ASN A 65 -13.24 27.29 -18.87
CA ASN A 65 -12.29 26.31 -19.40
C ASN A 65 -11.34 25.98 -18.26
N VAL A 66 -10.50 24.95 -18.44
CA VAL A 66 -9.61 24.48 -17.39
C VAL A 66 -8.13 24.38 -17.81
N TRP A 67 -7.24 25.00 -17.03
CA TRP A 67 -5.82 24.96 -17.32
C TRP A 67 -5.20 23.59 -17.05
N ILE A 68 -4.28 23.17 -17.90
CA ILE A 68 -3.57 21.93 -17.68
C ILE A 68 -2.08 22.31 -17.84
N GLY A 69 -1.18 21.37 -17.56
CA GLY A 69 0.23 21.69 -17.58
C GLY A 69 1.07 21.81 -18.83
N LEU A 70 0.43 21.92 -20.00
CA LEU A 70 1.17 22.02 -21.27
C LEU A 70 1.37 23.48 -21.64
N ARG A 71 2.57 23.85 -22.07
CA ARG A 71 2.83 25.22 -22.46
C ARG A 71 4.01 25.27 -23.44
N ASP A 72 4.06 26.34 -24.21
CA ASP A 72 5.07 26.56 -25.22
C ASP A 72 6.04 27.61 -24.70
N LYS A 73 6.96 27.20 -23.86
CA LYS A 73 7.96 28.07 -23.25
C LYS A 73 8.91 28.73 -24.27
N LYS A 74 9.32 27.97 -25.30
CA LYS A 74 10.21 28.55 -26.32
C LYS A 74 9.43 29.35 -27.38
N LYS A 75 8.10 29.28 -27.28
CA LYS A 75 7.19 29.98 -28.20
C LYS A 75 7.27 29.56 -29.68
N ASP A 76 7.71 28.33 -29.95
CA ASP A 76 7.81 27.89 -31.34
C ASP A 76 7.14 26.54 -31.55
N PHE A 77 6.03 26.32 -30.84
CA PHE A 77 5.29 25.07 -30.89
C PHE A 77 6.09 23.91 -30.28
N SER A 78 6.85 24.20 -29.22
CA SER A 78 7.56 23.15 -28.49
C SER A 78 6.80 23.04 -27.17
N TRP A 79 5.77 22.19 -27.17
CA TRP A 79 4.92 22.01 -26.00
C TRP A 79 5.53 21.04 -24.98
N GLU A 80 5.72 21.50 -23.75
CA GLU A 80 6.30 20.70 -22.68
C GLU A 80 5.37 20.71 -21.46
N TRP A 81 5.39 19.64 -20.68
CA TRP A 81 4.57 19.56 -19.46
C TRP A 81 5.40 20.08 -18.29
N THR A 82 4.75 20.81 -17.39
CA THR A 82 5.43 21.33 -16.20
C THR A 82 5.96 20.20 -15.30
N ASP A 83 5.37 19.00 -15.36
CA ASP A 83 5.84 17.90 -14.50
C ASP A 83 7.01 17.14 -15.13
N ARG A 84 7.53 17.69 -16.23
CA ARG A 84 8.65 17.13 -16.97
C ARG A 84 8.41 15.78 -17.64
N SER A 85 7.15 15.36 -17.72
CA SER A 85 6.84 14.07 -18.36
C SER A 85 6.95 14.26 -19.88
N CYS A 86 6.92 13.17 -20.61
CA CYS A 86 7.01 13.20 -22.06
C CYS A 86 5.77 13.71 -22.73
N THR A 87 5.96 14.45 -23.82
CA THR A 87 4.84 14.92 -24.62
C THR A 87 4.70 13.80 -25.66
N ASP A 88 4.12 12.69 -25.25
CA ASP A 88 3.96 11.53 -26.13
C ASP A 88 2.50 11.39 -26.60
N TYR A 89 1.67 12.36 -26.23
CA TYR A 89 0.25 12.32 -26.51
C TYR A 89 -0.37 13.72 -26.60
N LEU A 90 -1.16 13.95 -27.64
CA LEU A 90 -1.80 15.23 -27.85
C LEU A 90 -3.23 15.03 -28.30
N THR A 91 -4.12 15.94 -27.90
CA THR A 91 -5.50 15.85 -28.34
C THR A 91 -6.09 17.25 -28.49
N TRP A 92 -5.57 17.94 -29.50
CA TRP A 92 -5.97 19.31 -29.85
C TRP A 92 -7.37 19.41 -30.41
N ASP A 93 -8.03 20.53 -30.14
CA ASP A 93 -9.37 20.76 -30.66
C ASP A 93 -9.21 21.12 -32.15
N LYS A 94 -10.32 21.19 -32.87
CA LYS A 94 -10.30 21.52 -34.28
C LYS A 94 -9.50 22.81 -34.57
N ASN A 95 -8.55 22.70 -35.49
CA ASN A 95 -7.69 23.81 -35.91
C ASN A 95 -6.81 24.41 -34.82
N GLN A 96 -6.45 23.59 -33.85
CA GLN A 96 -5.56 24.02 -32.77
C GLN A 96 -4.36 23.06 -32.85
N PRO A 97 -3.19 23.51 -32.38
CA PRO A 97 -2.94 24.83 -31.80
C PRO A 97 -2.68 25.82 -32.93
N ASP A 98 -3.03 27.09 -32.74
CA ASP A 98 -2.85 28.04 -33.85
C ASP A 98 -2.04 29.29 -33.50
N HIS A 99 -1.58 29.41 -32.26
CA HIS A 99 -0.84 30.61 -31.84
C HIS A 99 -1.58 31.86 -32.34
N TYR A 100 -2.90 31.88 -32.15
CA TYR A 100 -3.72 33.00 -32.59
C TYR A 100 -3.10 34.34 -32.19
N GLN A 101 -2.88 35.22 -33.18
CA GLN A 101 -2.29 36.55 -33.00
C GLN A 101 -0.98 36.55 -32.19
N ASN A 102 -0.25 35.44 -32.20
CA ASN A 102 1.00 35.31 -31.44
C ASN A 102 0.89 35.73 -29.97
N LYS A 103 -0.20 35.32 -29.30
CA LYS A 103 -0.42 35.66 -27.89
C LYS A 103 -0.86 34.44 -27.08
N GLU A 104 -0.89 33.27 -27.73
CA GLU A 104 -1.33 32.03 -27.09
C GLU A 104 -0.24 30.99 -26.86
N PHE A 105 0.14 30.79 -25.60
CA PHE A 105 1.19 29.85 -25.30
C PHE A 105 0.92 28.81 -24.23
N CYS A 106 -0.27 28.86 -23.61
CA CYS A 106 -0.67 27.94 -22.54
C CYS A 106 -1.89 27.11 -22.99
N VAL A 107 -1.98 25.89 -22.50
CA VAL A 107 -3.05 25.01 -22.95
C VAL A 107 -4.18 24.81 -21.93
N GLU A 108 -5.43 24.92 -22.41
CA GLU A 108 -6.63 24.72 -21.58
C GLU A 108 -7.53 23.60 -22.18
N LEU A 109 -8.31 22.97 -21.32
CA LEU A 109 -9.27 21.94 -21.75
C LEU A 109 -10.48 22.80 -22.11
N VAL A 110 -11.06 22.57 -23.29
CA VAL A 110 -12.19 23.38 -23.76
C VAL A 110 -13.57 22.94 -23.26
N SER A 111 -14.21 23.80 -22.47
CA SER A 111 -15.53 23.52 -21.91
C SER A 111 -16.57 23.10 -22.96
N LEU A 112 -16.61 23.78 -24.10
CA LEU A 112 -17.57 23.43 -25.16
C LEU A 112 -17.41 22.04 -25.74
N THR A 113 -16.25 21.42 -25.52
CA THR A 113 -16.03 20.06 -26.03
C THR A 113 -16.22 19.05 -24.89
N GLY A 114 -16.78 19.50 -23.77
CA GLY A 114 -16.94 18.59 -22.63
C GLY A 114 -15.60 18.31 -21.94
N TYR A 115 -14.63 19.23 -22.08
CA TYR A 115 -13.30 19.10 -21.48
C TYR A 115 -12.46 17.95 -22.07
N ARG A 116 -12.77 17.58 -23.32
CA ARG A 116 -12.05 16.50 -24.00
C ARG A 116 -10.86 16.98 -24.83
N LEU A 117 -11.04 18.10 -25.50
CA LEU A 117 -10.02 18.61 -26.40
C LEU A 117 -9.30 19.88 -25.90
N TRP A 118 -8.11 20.10 -26.43
CA TRP A 118 -7.28 21.21 -26.01
C TRP A 118 -7.23 22.42 -26.93
N ASN A 119 -6.91 23.56 -26.33
CA ASN A 119 -6.78 24.81 -27.03
C ASN A 119 -5.61 25.60 -26.45
N ASP A 120 -4.79 26.20 -27.31
CA ASP A 120 -3.73 27.04 -26.84
C ASP A 120 -4.41 28.40 -26.60
N GLN A 121 -4.15 29.00 -25.45
CA GLN A 121 -4.82 30.23 -25.04
C GLN A 121 -3.91 31.31 -24.41
N VAL A 122 -4.42 32.52 -24.30
CA VAL A 122 -3.67 33.59 -23.65
C VAL A 122 -3.45 33.14 -22.19
N CYS A 123 -2.18 33.03 -21.80
CA CYS A 123 -1.84 32.58 -20.46
C CYS A 123 -2.47 33.37 -19.33
N GLU A 124 -2.76 34.65 -19.60
CA GLU A 124 -3.35 35.53 -18.60
C GLU A 124 -4.87 35.38 -18.45
N SER A 125 -5.48 34.50 -19.25
CA SER A 125 -6.93 34.25 -19.15
C SER A 125 -7.20 33.58 -17.81
N LYS A 126 -8.35 33.84 -17.21
CA LYS A 126 -8.68 33.20 -15.95
C LYS A 126 -9.48 31.93 -16.26
N ASP A 127 -8.93 30.78 -15.92
CA ASP A 127 -9.61 29.50 -16.13
C ASP A 127 -9.62 28.78 -14.80
N ALA A 128 -10.39 27.69 -14.71
CA ALA A 128 -10.37 26.86 -13.52
C ALA A 128 -9.11 26.02 -13.83
N PHE A 129 -8.67 25.14 -12.93
CA PHE A 129 -7.45 24.37 -13.22
C PHE A 129 -7.38 23.01 -12.56
N LEU A 130 -6.68 22.10 -13.24
CA LEU A 130 -6.53 20.73 -12.78
C LEU A 130 -5.13 20.42 -12.22
N CYS A 131 -5.05 20.11 -10.92
CA CYS A 131 -3.77 19.77 -10.31
C CYS A 131 -3.58 18.24 -10.30
N GLN A 132 -2.31 17.85 -10.21
CA GLN A 132 -1.90 16.45 -10.20
C GLN A 132 -0.84 16.33 -9.10
N CYS A 133 -1.06 15.38 -8.18
CA CYS A 133 -0.14 15.17 -7.08
C CYS A 133 0.16 13.72 -6.79
N LYS A 134 1.26 13.54 -6.07
CA LYS A 134 1.68 12.25 -5.57
C LYS A 134 1.35 12.40 -4.07
N PHE A 135 0.82 11.35 -3.45
CA PHE A 135 0.51 11.41 -2.01
C PHE A 135 1.26 10.30 -1.22
N ASN B 1 -1.43 7.53 0.45
CA ASN B 1 -0.63 8.52 1.22
C ASN B 1 0.55 7.85 1.88
N ASN B 2 1.62 7.68 1.11
CA ASN B 2 2.85 7.06 1.60
C ASN B 2 3.59 7.95 2.61
N CYS B 3 3.29 9.25 2.60
CA CYS B 3 3.98 10.19 3.47
C CYS B 3 3.08 11.21 4.13
N PRO B 4 3.63 11.97 5.10
CA PRO B 4 2.82 13.00 5.76
C PRO B 4 2.61 13.98 4.59
N LEU B 5 1.65 14.88 4.72
CA LEU B 5 1.34 15.82 3.66
C LEU B 5 2.42 16.88 3.38
N ASP B 6 3.34 17.08 4.31
CA ASP B 6 4.38 18.07 4.10
C ASP B 6 5.72 17.45 3.66
N TRP B 7 5.67 16.21 3.20
CA TRP B 7 6.86 15.52 2.69
C TRP B 7 6.67 15.18 1.22
N LEU B 8 7.77 15.07 0.50
CA LEU B 8 7.75 14.74 -0.92
C LEU B 8 7.89 13.24 -1.11
N PRO B 9 6.85 12.58 -1.68
CA PRO B 9 6.92 11.13 -1.92
C PRO B 9 7.79 10.94 -3.17
N MET B 10 8.66 9.95 -3.18
CA MET B 10 9.51 9.72 -4.36
C MET B 10 10.16 8.34 -4.32
N ASN B 11 9.78 7.50 -5.29
CA ASN B 11 10.28 6.14 -5.40
C ASN B 11 10.34 5.34 -4.10
N GLY B 12 9.22 5.29 -3.38
CA GLY B 12 9.16 4.55 -2.13
C GLY B 12 9.60 5.25 -0.84
N LEU B 13 10.18 6.45 -0.95
CA LEU B 13 10.64 7.15 0.24
C LEU B 13 10.00 8.53 0.34
N CYS B 14 10.26 9.21 1.44
CA CYS B 14 9.71 10.54 1.65
C CYS B 14 10.85 11.53 1.91
N TYR B 15 10.76 12.71 1.31
CA TYR B 15 11.78 13.74 1.44
C TYR B 15 11.26 15.09 1.94
N LYS B 16 12.09 15.83 2.66
CA LYS B 16 11.70 17.15 3.16
C LYS B 16 12.90 18.07 3.38
N ILE B 17 12.85 19.30 2.87
CA ILE B 17 13.94 20.24 3.12
C ILE B 17 13.73 20.90 4.46
N PHE B 18 14.82 21.11 5.16
CA PHE B 18 14.76 21.80 6.44
C PHE B 18 15.63 23.01 6.22
N ASN B 19 15.06 24.18 6.43
CA ASN B 19 15.74 25.46 6.24
C ASN B 19 16.67 25.91 7.38
N GLN B 20 16.60 25.26 8.54
CA GLN B 20 17.47 25.60 9.66
C GLN B 20 18.91 25.30 9.22
N LEU B 21 19.86 26.18 9.56
CA LEU B 21 21.24 25.94 9.13
C LEU B 21 22.04 25.09 10.11
N LYS B 22 22.61 23.99 9.61
CA LYS B 22 23.40 23.08 10.44
C LYS B 22 24.65 22.57 9.74
N THR B 23 25.63 22.12 10.52
CA THR B 23 26.84 21.54 9.96
C THR B 23 26.37 20.22 9.34
N TRP B 24 27.20 19.62 8.48
CA TRP B 24 26.82 18.36 7.83
C TRP B 24 26.43 17.26 8.83
N GLU B 25 27.25 17.06 9.85
CA GLU B 25 26.96 16.01 10.85
C GLU B 25 25.76 16.32 11.76
N ASP B 26 25.53 17.59 12.08
CA ASP B 26 24.37 17.91 12.90
C ASP B 26 23.08 17.65 12.12
N ALA B 27 23.15 17.84 10.80
CA ALA B 27 22.00 17.60 9.90
C ALA B 27 21.67 16.10 9.84
N GLU B 28 22.70 15.29 9.70
CA GLU B 28 22.53 13.83 9.66
C GLU B 28 21.92 13.32 11.00
N MET B 29 22.43 13.81 12.13
CA MET B 29 21.88 13.35 13.41
C MET B 29 20.43 13.87 13.60
N PHE B 30 20.12 15.05 13.07
CA PHE B 30 18.75 15.55 13.19
C PHE B 30 17.78 14.67 12.38
N CYS B 31 18.20 14.24 11.19
CA CYS B 31 17.33 13.39 10.37
C CYS B 31 17.15 12.07 11.10
N ARG B 32 18.25 11.55 11.64
CA ARG B 32 18.26 10.29 12.37
C ARG B 32 17.34 10.27 13.58
N LYS B 33 17.34 11.38 14.32
CA LYS B 33 16.51 11.49 15.50
C LYS B 33 15.10 12.01 15.18
N TYR B 34 14.81 12.25 13.90
CA TYR B 34 13.50 12.75 13.55
C TYR B 34 12.46 11.67 13.74
N LYS B 35 12.78 10.49 13.23
CA LYS B 35 11.92 9.32 13.30
C LYS B 35 12.81 8.17 12.85
N PRO B 36 12.56 6.93 13.35
CA PRO B 36 13.42 5.81 12.92
C PRO B 36 13.37 5.56 11.41
N GLY B 37 14.51 5.28 10.81
CA GLY B 37 14.56 5.06 9.38
C GLY B 37 14.77 6.33 8.56
N CYS B 38 15.45 7.34 9.11
CA CYS B 38 15.67 8.59 8.37
C CYS B 38 17.15 8.94 8.34
N HIS B 39 17.57 9.64 7.28
CA HIS B 39 18.95 10.08 7.13
C HIS B 39 18.96 11.28 6.22
N LEU B 40 20.14 11.84 6.01
CA LEU B 40 20.27 12.90 5.01
C LEU B 40 19.97 12.09 3.73
N ALA B 41 19.37 12.74 2.72
CA ALA B 41 18.98 12.07 1.47
C ALA B 41 20.10 11.47 0.61
N SER B 42 19.78 10.34 -0.03
CA SER B 42 20.69 9.65 -0.97
C SER B 42 19.99 9.81 -2.35
N PHE B 43 20.78 9.84 -3.42
CA PHE B 43 20.24 9.98 -4.80
C PHE B 43 20.70 8.80 -5.65
N HIS B 44 19.81 8.27 -6.48
CA HIS B 44 20.17 7.14 -7.30
C HIS B 44 19.69 7.24 -8.75
N ARG B 45 19.02 8.32 -9.10
CA ARG B 45 18.52 8.47 -10.45
C ARG B 45 18.50 9.92 -10.88
N TYR B 46 18.72 10.12 -12.18
CA TYR B 46 18.70 11.43 -12.79
C TYR B 46 17.37 12.14 -12.47
N GLY B 47 16.28 11.39 -12.59
CA GLY B 47 14.96 11.91 -12.33
C GLY B 47 14.78 12.42 -10.91
N GLU B 48 15.39 11.74 -9.93
CA GLU B 48 15.32 12.18 -8.55
C GLU B 48 15.99 13.55 -8.42
N SER B 49 17.15 13.73 -9.05
CA SER B 49 17.85 15.02 -9.00
C SER B 49 16.97 16.19 -9.48
N LEU B 50 16.30 16.01 -10.61
CA LEU B 50 15.47 17.08 -11.15
C LEU B 50 14.23 17.36 -10.30
N GLU B 51 13.62 16.30 -9.80
CA GLU B 51 12.43 16.43 -8.97
C GLU B 51 12.81 17.12 -7.66
N ILE B 52 13.88 16.63 -7.03
CA ILE B 52 14.33 17.25 -5.78
C ILE B 52 14.73 18.70 -6.00
N ALA B 53 15.36 19.02 -7.14
CA ALA B 53 15.78 20.40 -7.41
C ALA B 53 14.60 21.37 -7.45
N GLU B 54 13.54 20.95 -8.12
CA GLU B 54 12.36 21.79 -8.21
C GLU B 54 11.68 21.90 -6.85
N TYR B 55 11.56 20.77 -6.15
CA TYR B 55 10.94 20.77 -4.82
C TYR B 55 11.69 21.77 -3.93
N ILE B 56 13.01 21.71 -3.92
CA ILE B 56 13.79 22.63 -3.10
C ILE B 56 13.59 24.07 -3.54
N SER B 57 13.61 24.30 -4.85
CA SER B 57 13.43 25.66 -5.35
C SER B 57 12.09 26.25 -4.95
N ASP B 58 11.08 25.39 -4.72
CA ASP B 58 9.75 25.88 -4.36
C ASP B 58 9.50 25.99 -2.87
N TYR B 59 10.13 25.13 -2.07
CA TYR B 59 9.91 25.15 -0.64
C TYR B 59 11.08 25.66 0.19
N HIS B 60 12.16 26.01 -0.48
CA HIS B 60 13.34 26.52 0.21
C HIS B 60 13.67 27.94 -0.25
N LYS B 61 13.44 28.90 0.63
CA LYS B 61 13.74 30.30 0.32
C LYS B 61 15.22 30.58 0.51
N GLY B 62 15.73 31.60 -0.18
CA GLY B 62 17.13 31.97 -0.05
C GLY B 62 18.02 31.15 -0.96
N GLN B 63 19.33 31.38 -0.88
CA GLN B 63 20.25 30.64 -1.71
C GLN B 63 21.26 29.81 -0.93
N GLU B 64 20.91 29.41 0.29
CA GLU B 64 21.83 28.57 1.05
C GLU B 64 21.89 27.20 0.35
N ASN B 65 23.07 26.61 0.30
CA ASN B 65 23.20 25.31 -0.33
C ASN B 65 22.54 24.28 0.61
N VAL B 66 22.37 23.05 0.15
CA VAL B 66 21.67 22.04 0.95
C VAL B 66 22.46 20.74 1.14
N TRP B 67 22.70 20.36 2.38
CA TRP B 67 23.41 19.12 2.66
C TRP B 67 22.59 17.88 2.23
N ILE B 68 23.26 16.91 1.61
CA ILE B 68 22.65 15.64 1.27
C ILE B 68 23.51 14.59 2.01
N GLY B 69 23.17 13.31 1.94
CA GLY B 69 23.91 12.30 2.70
C GLY B 69 25.20 11.67 2.18
N LEU B 70 25.86 12.31 1.23
CA LEU B 70 27.10 11.75 0.69
C LEU B 70 28.30 12.38 1.40
N ARG B 71 29.31 11.56 1.71
CA ARG B 71 30.48 12.07 2.39
C ARG B 71 31.62 11.09 2.16
N ASP B 72 32.84 11.61 2.28
CA ASP B 72 34.05 10.84 2.07
C ASP B 72 34.65 10.52 3.44
N LYS B 73 34.11 9.51 4.11
CA LYS B 73 34.57 9.16 5.46
C LYS B 73 36.05 8.83 5.57
N LYS B 74 36.59 8.08 4.60
CA LYS B 74 38.00 7.73 4.65
C LYS B 74 38.89 8.82 4.08
N LYS B 75 38.28 9.94 3.70
CA LYS B 75 39.03 11.06 3.13
C LYS B 75 39.91 10.59 1.96
N ASP B 76 39.44 9.64 1.17
CA ASP B 76 40.21 9.10 0.06
C ASP B 76 39.48 9.14 -1.28
N PHE B 77 38.42 9.93 -1.36
CA PHE B 77 37.60 10.03 -2.57
C PHE B 77 36.67 8.84 -2.71
N SER B 78 36.30 8.21 -1.61
CA SER B 78 35.37 7.09 -1.70
C SER B 78 34.09 7.56 -1.02
N TRP B 79 33.18 8.07 -1.84
CA TRP B 79 31.91 8.63 -1.40
C TRP B 79 30.85 7.62 -1.02
N GLU B 80 30.33 7.75 0.19
CA GLU B 80 29.29 6.84 0.67
C GLU B 80 28.07 7.56 1.24
N TRP B 81 26.92 6.93 1.10
CA TRP B 81 25.67 7.48 1.61
C TRP B 81 25.45 7.05 3.07
N THR B 82 24.95 7.97 3.87
CA THR B 82 24.69 7.66 5.26
C THR B 82 23.57 6.61 5.41
N ASP B 83 22.75 6.41 4.38
CA ASP B 83 21.70 5.40 4.48
C ASP B 83 22.20 4.02 4.05
N ARG B 84 23.49 3.93 3.73
CA ARG B 84 24.11 2.68 3.33
C ARG B 84 23.61 2.11 1.99
N SER B 85 22.97 2.94 1.19
CA SER B 85 22.51 2.49 -0.13
C SER B 85 23.77 2.56 -1.00
N CYS B 86 23.71 1.99 -2.21
CA CYS B 86 24.85 1.96 -3.13
C CYS B 86 25.16 3.29 -3.80
N THR B 87 26.45 3.59 -3.95
CA THR B 87 26.84 4.80 -4.65
C THR B 87 26.94 4.37 -6.12
N ASP B 88 25.78 4.38 -6.78
CA ASP B 88 25.61 3.99 -8.17
C ASP B 88 25.10 5.13 -9.02
N TYR B 89 25.31 6.37 -8.57
CA TYR B 89 24.82 7.55 -9.26
C TYR B 89 25.57 8.78 -8.76
N LEU B 90 26.03 9.62 -9.69
CA LEU B 90 26.76 10.84 -9.32
C LEU B 90 26.44 11.99 -10.26
N THR B 91 26.30 13.19 -9.71
CA THR B 91 26.03 14.34 -10.57
C THR B 91 26.76 15.57 -10.01
N TRP B 92 28.09 15.52 -10.12
CA TRP B 92 28.95 16.59 -9.62
C TRP B 92 28.86 17.84 -10.47
N ASP B 93 29.04 18.99 -9.83
CA ASP B 93 29.06 20.25 -10.53
C ASP B 93 30.42 20.34 -11.28
N LYS B 94 30.57 21.37 -12.10
CA LYS B 94 31.79 21.62 -12.87
C LYS B 94 33.04 21.57 -11.98
N ASN B 95 34.00 20.72 -12.36
CA ASN B 95 35.27 20.61 -11.64
C ASN B 95 35.15 20.12 -10.20
N GLN B 96 34.13 19.32 -9.93
CA GLN B 96 33.97 18.79 -8.60
C GLN B 96 33.92 17.27 -8.77
N PRO B 97 34.29 16.52 -7.73
CA PRO B 97 34.74 17.04 -6.43
C PRO B 97 36.21 17.38 -6.51
N ASP B 98 36.66 18.36 -5.74
CA ASP B 98 38.06 18.73 -5.81
C ASP B 98 38.83 18.65 -4.49
N HIS B 99 38.17 18.31 -3.40
CA HIS B 99 38.87 18.24 -2.10
C HIS B 99 39.67 19.51 -1.91
N TYR B 100 39.03 20.67 -2.07
CA TYR B 100 39.75 21.94 -1.95
C TYR B 100 40.60 22.08 -0.69
N GLN B 101 41.91 22.25 -0.90
CA GLN B 101 42.90 22.38 0.18
C GLN B 101 42.82 21.20 1.15
N ASN B 102 42.28 20.10 0.64
CA ASN B 102 42.11 18.86 1.41
C ASN B 102 41.32 19.11 2.70
N LYS B 103 40.27 19.92 2.64
CA LYS B 103 39.47 20.17 3.83
C LYS B 103 37.97 19.94 3.62
N GLU B 104 37.59 19.54 2.41
CA GLU B 104 36.18 19.31 2.05
C GLU B 104 35.84 17.82 1.88
N PHE B 105 34.97 17.30 2.75
CA PHE B 105 34.61 15.89 2.70
C PHE B 105 33.12 15.57 2.80
N CYS B 106 32.28 16.60 2.73
CA CYS B 106 30.82 16.47 2.83
C CYS B 106 30.18 17.06 1.58
N VAL B 107 29.08 16.48 1.11
CA VAL B 107 28.44 16.96 -0.13
C VAL B 107 27.13 17.77 0.02
N GLU B 108 27.05 18.85 -0.75
CA GLU B 108 25.89 19.74 -0.74
C GLU B 108 25.36 19.99 -2.17
N LEU B 109 24.06 20.30 -2.26
CA LEU B 109 23.46 20.67 -3.53
C LEU B 109 23.83 22.15 -3.66
N VAL B 110 24.22 22.54 -4.85
CA VAL B 110 24.65 23.88 -5.17
C VAL B 110 23.52 24.78 -5.66
N SER B 111 23.26 25.80 -4.85
CA SER B 111 22.22 26.77 -5.11
C SER B 111 22.35 27.36 -6.50
N LEU B 112 23.58 27.68 -6.89
CA LEU B 112 23.84 28.26 -8.20
C LEU B 112 23.46 27.37 -9.38
N THR B 113 23.37 26.07 -9.16
CA THR B 113 22.98 25.13 -10.21
C THR B 113 21.48 24.78 -10.09
N GLY B 114 20.72 25.62 -9.39
CA GLY B 114 19.31 25.33 -9.19
C GLY B 114 19.13 24.08 -8.33
N TYR B 115 20.12 23.78 -7.48
CA TYR B 115 20.14 22.59 -6.61
C TYR B 115 20.18 21.28 -7.42
N ARG B 116 20.80 21.33 -8.60
CA ARG B 116 20.89 20.12 -9.43
C ARG B 116 22.21 19.39 -9.29
N LEU B 117 23.31 20.13 -9.14
CA LEU B 117 24.64 19.53 -9.08
C LEU B 117 25.28 19.57 -7.70
N TRP B 118 26.25 18.67 -7.49
CA TRP B 118 26.88 18.53 -6.20
C TRP B 118 28.28 19.12 -6.05
N ASN B 119 28.62 19.43 -4.80
CA ASN B 119 29.92 19.98 -4.50
C ASN B 119 30.40 19.45 -3.18
N ASP B 120 31.69 19.08 -3.09
CA ASP B 120 32.21 18.63 -1.81
C ASP B 120 32.60 19.91 -1.08
N GLN B 121 32.20 19.96 0.18
CA GLN B 121 32.35 21.16 1.00
C GLN B 121 32.90 20.88 2.41
N VAL B 122 33.45 21.91 3.04
CA VAL B 122 33.94 21.79 4.42
C VAL B 122 32.76 21.32 5.28
N CYS B 123 32.90 20.19 5.95
CA CYS B 123 31.80 19.64 6.75
C CYS B 123 31.22 20.54 7.84
N GLU B 124 32.01 21.50 8.32
CA GLU B 124 31.56 22.40 9.38
C GLU B 124 30.76 23.62 8.91
N SER B 125 30.60 23.75 7.60
CA SER B 125 29.82 24.83 7.01
C SER B 125 28.36 24.64 7.44
N LYS B 126 27.61 25.73 7.48
CA LYS B 126 26.19 25.66 7.84
C LYS B 126 25.37 25.76 6.53
N ASP B 127 24.53 24.77 6.30
CA ASP B 127 23.72 24.69 5.08
C ASP B 127 22.33 24.28 5.56
N ALA B 128 21.35 24.42 4.68
CA ALA B 128 20.03 23.91 5.00
C ALA B 128 20.28 22.42 4.68
N PHE B 129 19.29 21.55 4.83
CA PHE B 129 19.53 20.14 4.58
C PHE B 129 18.29 19.37 4.16
N LEU B 130 18.51 18.24 3.49
CA LEU B 130 17.43 17.40 2.97
C LEU B 130 17.37 16.06 3.68
N CYS B 131 16.30 15.81 4.43
CA CYS B 131 16.14 14.53 5.10
C CYS B 131 15.34 13.59 4.19
N GLN B 132 15.51 12.30 4.45
CA GLN B 132 14.87 11.23 3.73
C GLN B 132 14.35 10.24 4.79
N CYS B 133 13.12 9.78 4.65
CA CYS B 133 12.57 8.84 5.61
C CYS B 133 11.68 7.76 5.02
N LYS B 134 11.58 6.66 5.77
CA LYS B 134 10.74 5.54 5.43
C LYS B 134 9.60 5.68 6.44
N PHE B 135 8.36 5.77 5.96
CA PHE B 135 7.22 5.89 6.86
C PHE B 135 6.42 4.57 6.94
N ASN C 1 1.21 4.47 5.02
CA ASN C 1 2.52 4.17 5.69
C ASN C 1 2.61 2.67 5.99
N ASN C 2 3.84 2.18 6.15
CA ASN C 2 4.03 0.77 6.44
C ASN C 2 4.07 0.43 7.94
N CYS C 3 4.54 1.36 8.75
CA CYS C 3 4.66 1.16 10.19
C CYS C 3 4.22 2.39 10.97
N PRO C 4 3.92 2.25 12.27
CA PRO C 4 3.51 3.37 13.12
C PRO C 4 4.72 4.30 13.20
N LEU C 5 4.50 5.54 13.59
CA LEU C 5 5.60 6.51 13.65
C LEU C 5 6.85 6.15 14.43
N ASP C 6 6.69 5.44 15.54
CA ASP C 6 7.84 5.10 16.37
C ASP C 6 8.43 3.72 16.09
N TRP C 7 8.18 3.20 14.89
CA TRP C 7 8.74 1.91 14.50
C TRP C 7 9.66 2.12 13.30
N LEU C 8 10.63 1.24 13.17
CA LEU C 8 11.59 1.27 12.09
C LEU C 8 11.14 0.32 10.98
N PRO C 9 10.76 0.86 9.82
CA PRO C 9 10.33 0.00 8.71
C PRO C 9 11.62 -0.55 8.09
N MET C 10 11.68 -1.83 7.79
CA MET C 10 12.90 -2.39 7.18
C MET C 10 12.58 -3.66 6.41
N ASN C 11 12.83 -3.61 5.11
CA ASN C 11 12.57 -4.72 4.20
C ASN C 11 11.20 -5.37 4.41
N GLY C 12 10.17 -4.53 4.53
CA GLY C 12 8.82 -5.03 4.68
C GLY C 12 8.27 -5.27 6.08
N LEU C 13 9.14 -5.24 7.08
CA LEU C 13 8.71 -5.45 8.47
C LEU C 13 8.96 -4.19 9.31
N CYS C 14 8.46 -4.21 10.54
CA CYS C 14 8.60 -3.09 11.45
C CYS C 14 9.30 -3.55 12.72
N TYR C 15 10.29 -2.77 13.14
CA TYR C 15 11.07 -3.08 14.32
C TYR C 15 11.01 -1.98 15.37
N LYS C 16 11.11 -2.38 16.63
CA LYS C 16 11.13 -1.42 17.73
C LYS C 16 11.88 -1.99 18.93
N ILE C 17 12.71 -1.15 19.52
CA ILE C 17 13.47 -1.54 20.71
C ILE C 17 12.68 -1.12 21.93
N PHE C 18 12.50 -2.05 22.86
CA PHE C 18 11.78 -1.75 24.10
C PHE C 18 12.80 -1.79 25.20
N ASN C 19 12.79 -0.74 26.04
CA ASN C 19 13.77 -0.61 27.12
C ASN C 19 13.43 -1.35 28.41
N GLN C 20 12.17 -1.74 28.58
CA GLN C 20 11.78 -2.46 29.78
C GLN C 20 12.59 -3.75 29.80
N LEU C 21 13.17 -4.08 30.97
CA LEU C 21 13.98 -5.28 31.13
C LEU C 21 13.12 -6.52 31.35
N LYS C 22 13.40 -7.58 30.60
CA LYS C 22 12.65 -8.82 30.74
C LYS C 22 13.54 -10.02 30.43
N THR C 23 13.10 -11.20 30.85
CA THR C 23 13.83 -12.44 30.56
C THR C 23 13.61 -12.68 29.07
N TRP C 24 14.42 -13.55 28.46
CA TRP C 24 14.27 -13.81 27.03
C TRP C 24 12.85 -14.27 26.73
N GLU C 25 12.35 -15.21 27.52
CA GLU C 25 11.00 -15.76 27.34
C GLU C 25 9.88 -14.71 27.48
N ASP C 26 9.99 -13.81 28.45
CA ASP C 26 8.94 -12.79 28.61
C ASP C 26 9.06 -11.72 27.55
N ALA C 27 10.26 -11.53 27.01
CA ALA C 27 10.47 -10.55 25.96
C ALA C 27 9.74 -11.07 24.71
N GLU C 28 9.86 -12.38 24.46
CA GLU C 28 9.20 -13.05 23.33
C GLU C 28 7.69 -12.92 23.46
N MET C 29 7.12 -13.43 24.54
CA MET C 29 5.68 -13.36 24.68
C MET C 29 5.19 -11.91 24.75
N PHE C 30 6.03 -10.97 25.21
CA PHE C 30 5.58 -9.59 25.20
C PHE C 30 5.37 -9.18 23.74
N CYS C 31 6.38 -9.42 22.88
CA CYS C 31 6.28 -9.08 21.45
C CYS C 31 5.03 -9.70 20.83
N ARG C 32 4.81 -10.98 21.08
CA ARG C 32 3.64 -11.66 20.53
C ARG C 32 2.34 -11.03 20.99
N LYS C 33 2.35 -10.39 22.17
CA LYS C 33 1.16 -9.75 22.71
C LYS C 33 1.05 -8.27 22.37
N TYR C 34 2.02 -7.73 21.65
CA TYR C 34 1.92 -6.34 21.27
C TYR C 34 0.94 -6.26 20.10
N LYS C 35 0.93 -7.32 19.31
CA LYS C 35 0.05 -7.43 18.14
C LYS C 35 0.24 -8.84 17.56
N PRO C 36 -0.84 -9.46 17.08
CA PRO C 36 -0.72 -10.82 16.51
C PRO C 36 0.28 -10.88 15.34
N GLY C 37 1.19 -11.84 15.40
CA GLY C 37 2.18 -11.99 14.34
C GLY C 37 3.57 -11.48 14.67
N CYS C 38 3.74 -10.76 15.78
CA CYS C 38 5.05 -10.24 16.13
C CYS C 38 5.89 -11.28 16.86
N HIS C 39 7.20 -11.05 16.88
CA HIS C 39 8.15 -11.93 17.54
C HIS C 39 9.38 -11.11 17.83
N LEU C 40 10.31 -11.69 18.59
CA LEU C 40 11.57 -11.02 18.79
C LEU C 40 12.19 -11.08 17.38
N ALA C 41 12.93 -10.05 17.01
CA ALA C 41 13.55 -9.94 15.70
C ALA C 41 14.48 -11.07 15.21
N SER C 42 14.48 -11.27 13.90
CA SER C 42 15.34 -12.26 13.26
C SER C 42 16.18 -11.49 12.25
N PHE C 43 17.41 -11.95 12.03
CA PHE C 43 18.30 -11.28 11.09
C PHE C 43 18.64 -12.24 9.96
N HIS C 44 18.79 -11.71 8.75
CA HIS C 44 19.09 -12.53 7.59
C HIS C 44 20.12 -11.93 6.65
N ARG C 45 20.68 -10.79 7.01
CA ARG C 45 21.70 -10.16 6.19
C ARG C 45 22.45 -9.02 6.88
N TYR C 46 23.71 -8.87 6.47
CA TYR C 46 24.62 -7.86 7.00
C TYR C 46 24.04 -6.45 7.10
N GLY C 47 23.28 -6.05 6.09
CA GLY C 47 22.68 -4.73 6.08
C GLY C 47 21.70 -4.54 7.23
N GLU C 48 20.92 -5.57 7.55
CA GLU C 48 19.95 -5.47 8.64
C GLU C 48 20.68 -5.27 9.97
N SER C 49 21.76 -6.02 10.21
CA SER C 49 22.55 -5.88 11.43
C SER C 49 23.00 -4.42 11.61
N LEU C 50 23.49 -3.84 10.53
CA LEU C 50 23.97 -2.46 10.56
C LEU C 50 22.86 -1.45 10.76
N GLU C 51 21.74 -1.66 10.07
CA GLU C 51 20.62 -0.76 10.18
C GLU C 51 20.08 -0.83 11.61
N ILE C 52 19.81 -2.04 12.07
CA ILE C 52 19.30 -2.26 13.42
C ILE C 52 20.26 -1.71 14.47
N ALA C 53 21.54 -2.00 14.33
CA ALA C 53 22.54 -1.52 15.29
C ALA C 53 22.48 0.00 15.45
N GLU C 54 22.34 0.70 14.33
CA GLU C 54 22.29 2.17 14.35
C GLU C 54 21.00 2.69 14.97
N TYR C 55 19.89 2.04 14.62
CA TYR C 55 18.59 2.44 15.14
C TYR C 55 18.60 2.36 16.67
N ILE C 56 19.02 1.21 17.19
CA ILE C 56 19.08 1.02 18.63
C ILE C 56 19.96 2.05 19.33
N SER C 57 21.16 2.27 18.79
CA SER C 57 22.09 3.24 19.38
C SER C 57 21.51 4.64 19.41
N ASP C 58 20.56 4.91 18.52
CA ASP C 58 19.92 6.21 18.46
C ASP C 58 18.65 6.31 19.31
N TYR C 59 17.88 5.22 19.38
CA TYR C 59 16.60 5.22 20.09
C TYR C 59 16.42 4.55 21.45
N HIS C 60 17.40 3.79 21.90
CA HIS C 60 17.26 3.15 23.21
C HIS C 60 17.42 4.14 24.38
N LYS C 61 17.25 3.62 25.60
CA LYS C 61 17.43 4.39 26.82
C LYS C 61 18.21 3.46 27.76
N GLY C 62 19.46 3.79 28.01
CA GLY C 62 20.29 2.96 28.87
C GLY C 62 21.43 2.33 28.08
N GLN C 63 22.10 1.36 28.68
CA GLN C 63 23.22 0.67 28.03
C GLN C 63 23.06 -0.85 28.11
N GLU C 64 21.82 -1.29 28.12
CA GLU C 64 21.48 -2.70 28.22
C GLU C 64 21.73 -3.49 26.93
N ASN C 65 21.97 -4.78 27.09
CA ASN C 65 22.14 -5.66 25.96
C ASN C 65 20.70 -5.90 25.46
N VAL C 66 20.56 -6.36 24.23
CA VAL C 66 19.21 -6.57 23.66
C VAL C 66 18.90 -8.00 23.18
N TRP C 67 17.80 -8.56 23.68
CA TRP C 67 17.36 -9.92 23.31
C TRP C 67 16.82 -9.96 21.87
N ILE C 68 17.21 -10.97 21.10
CA ILE C 68 16.68 -11.12 19.76
C ILE C 68 16.09 -12.52 19.68
N GLY C 69 15.42 -12.84 18.58
CA GLY C 69 14.76 -14.15 18.48
C GLY C 69 15.52 -15.45 18.34
N LEU C 70 16.83 -15.42 18.39
CA LEU C 70 17.63 -16.63 18.24
C LEU C 70 17.83 -17.35 19.57
N ARG C 71 17.56 -18.66 19.59
CA ARG C 71 17.73 -19.44 20.81
C ARG C 71 18.04 -20.92 20.54
N ASP C 72 18.84 -21.51 21.42
CA ASP C 72 19.25 -22.90 21.31
C ASP C 72 18.41 -23.81 22.19
N LYS C 73 17.25 -24.21 21.66
CA LYS C 73 16.29 -25.07 22.35
C LYS C 73 16.80 -26.46 22.75
N LYS C 74 17.34 -27.20 21.79
CA LYS C 74 17.84 -28.55 22.05
C LYS C 74 19.10 -28.55 22.92
N LYS C 75 19.71 -27.38 23.06
CA LYS C 75 20.92 -27.22 23.85
C LYS C 75 22.12 -27.89 23.19
N ASP C 76 21.96 -28.21 21.90
CA ASP C 76 23.02 -28.86 21.13
C ASP C 76 23.54 -27.90 20.07
N PHE C 77 23.52 -26.60 20.38
CA PHE C 77 23.96 -25.55 19.47
C PHE C 77 23.10 -25.42 18.20
N SER C 78 21.85 -25.87 18.27
CA SER C 78 20.98 -25.77 17.10
C SER C 78 20.07 -24.54 17.27
N TRP C 79 20.56 -23.42 16.75
CA TRP C 79 19.87 -22.15 16.83
C TRP C 79 18.66 -22.01 15.90
N GLU C 80 17.52 -21.63 16.46
CA GLU C 80 16.29 -21.44 15.69
C GLU C 80 15.70 -20.08 16.04
N TRP C 81 15.03 -19.46 15.06
CA TRP C 81 14.39 -18.16 15.25
C TRP C 81 12.96 -18.34 15.71
N THR C 82 12.49 -17.47 16.60
CA THR C 82 11.13 -17.58 17.06
C THR C 82 10.12 -17.34 15.94
N ASP C 83 10.51 -16.59 14.91
CA ASP C 83 9.58 -16.31 13.82
C ASP C 83 9.57 -17.41 12.74
N ARG C 84 10.32 -18.48 13.00
CA ARG C 84 10.41 -19.64 12.11
C ARG C 84 11.08 -19.41 10.76
N SER C 85 11.91 -18.38 10.65
CA SER C 85 12.59 -18.16 9.39
C SER C 85 13.88 -18.99 9.43
N CYS C 86 14.42 -19.32 8.27
CA CYS C 86 15.64 -20.13 8.22
C CYS C 86 16.79 -19.37 8.88
N THR C 87 17.71 -20.12 9.48
CA THR C 87 18.88 -19.51 10.09
C THR C 87 19.95 -19.53 9.02
N ASP C 88 19.85 -18.59 8.10
CA ASP C 88 20.78 -18.49 6.98
C ASP C 88 21.82 -17.41 7.18
N TYR C 89 21.90 -16.87 8.39
CA TYR C 89 22.84 -15.79 8.69
C TYR C 89 23.15 -15.79 10.20
N LEU C 90 24.40 -15.48 10.53
CA LEU C 90 24.87 -15.45 11.90
C LEU C 90 26.00 -14.43 12.03
N THR C 91 26.05 -13.74 13.16
CA THR C 91 27.10 -12.75 13.36
C THR C 91 27.50 -12.69 14.84
N TRP C 92 28.09 -13.80 15.30
CA TRP C 92 28.55 -13.92 16.69
C TRP C 92 29.71 -13.01 17.00
N ASP C 93 29.78 -12.59 18.26
CA ASP C 93 30.88 -11.74 18.71
C ASP C 93 32.10 -12.66 18.86
N LYS C 94 33.23 -12.10 19.28
CA LYS C 94 34.45 -12.89 19.45
C LYS C 94 34.27 -14.07 20.43
N ASN C 95 34.54 -15.28 19.94
CA ASN C 95 34.47 -16.49 20.76
C ASN C 95 33.06 -16.92 21.20
N GLN C 96 32.05 -16.60 20.40
CA GLN C 96 30.69 -17.00 20.75
C GLN C 96 30.14 -17.86 19.61
N PRO C 97 29.15 -18.71 19.91
CA PRO C 97 28.57 -18.91 21.23
C PRO C 97 29.43 -19.91 22.00
N ASP C 98 29.47 -19.78 23.32
CA ASP C 98 30.28 -20.69 24.15
C ASP C 98 29.49 -21.52 25.17
N HIS C 99 28.16 -21.41 25.14
CA HIS C 99 27.33 -22.16 26.08
C HIS C 99 27.92 -22.10 27.50
N TYR C 100 28.59 -21.00 27.79
CA TYR C 100 29.25 -20.76 29.08
C TYR C 100 28.54 -21.35 30.28
N GLN C 101 29.28 -22.14 31.05
CA GLN C 101 28.75 -22.80 32.25
C GLN C 101 27.47 -23.57 31.92
N ASN C 102 27.34 -24.01 30.67
CA ASN C 102 26.18 -24.76 30.21
C ASN C 102 24.86 -24.19 30.75
N LYS C 103 24.72 -22.87 30.72
CA LYS C 103 23.51 -22.22 31.19
C LYS C 103 23.10 -21.06 30.25
N GLU C 104 23.65 -21.08 29.04
CA GLU C 104 23.36 -20.04 28.05
C GLU C 104 22.79 -20.62 26.75
N PHE C 105 21.52 -20.32 26.49
CA PHE C 105 20.86 -20.81 25.28
C PHE C 105 19.96 -19.75 24.64
N CYS C 106 20.28 -18.47 24.88
CA CYS C 106 19.51 -17.34 24.34
C CYS C 106 20.44 -16.24 23.83
N VAL C 107 20.10 -15.66 22.68
CA VAL C 107 20.94 -14.65 22.06
C VAL C 107 20.54 -13.19 22.25
N GLU C 108 21.56 -12.35 22.52
CA GLU C 108 21.36 -10.93 22.70
C GLU C 108 22.35 -10.14 21.82
N LEU C 109 21.98 -8.92 21.48
CA LEU C 109 22.88 -8.05 20.73
C LEU C 109 23.75 -7.46 21.84
N VAL C 110 25.05 -7.40 21.59
CA VAL C 110 25.98 -6.88 22.58
C VAL C 110 26.16 -5.37 22.51
N SER C 111 25.87 -4.70 23.61
CA SER C 111 25.99 -3.26 23.68
C SER C 111 27.41 -2.75 23.47
N LEU C 112 28.40 -3.44 24.01
CA LEU C 112 29.79 -2.98 23.84
C LEU C 112 30.29 -3.06 22.40
N THR C 113 29.57 -3.77 21.54
CA THR C 113 29.97 -3.86 20.13
C THR C 113 29.08 -2.91 19.32
N GLY C 114 28.43 -1.99 20.02
CA GLY C 114 27.55 -1.05 19.35
C GLY C 114 26.30 -1.75 18.82
N TYR C 115 25.95 -2.88 19.45
CA TYR C 115 24.78 -3.67 19.08
C TYR C 115 24.87 -4.39 17.73
N ARG C 116 26.09 -4.69 17.30
CA ARG C 116 26.29 -5.37 16.01
C ARG C 116 26.50 -6.87 16.15
N LEU C 117 27.22 -7.28 17.19
CA LEU C 117 27.52 -8.69 17.39
C LEU C 117 26.64 -9.42 18.39
N TRP C 118 26.56 -10.74 18.22
CA TRP C 118 25.73 -11.57 19.08
C TRP C 118 26.49 -12.34 20.16
N ASN C 119 25.74 -12.79 21.17
CA ASN C 119 26.30 -13.56 22.27
C ASN C 119 25.20 -14.38 22.91
N ASP C 120 25.46 -15.66 23.14
CA ASP C 120 24.49 -16.53 23.81
C ASP C 120 24.63 -16.17 25.30
N GLN C 121 23.48 -15.97 25.96
CA GLN C 121 23.44 -15.53 27.36
C GLN C 121 22.38 -16.31 28.15
N VAL C 122 22.41 -16.16 29.48
CA VAL C 122 21.45 -16.84 30.36
C VAL C 122 20.04 -16.32 30.08
N CYS C 123 19.16 -17.22 29.69
CA CYS C 123 17.79 -16.86 29.34
C CYS C 123 16.97 -16.21 30.45
N GLU C 124 17.35 -16.46 31.70
CA GLU C 124 16.62 -15.89 32.84
C GLU C 124 17.11 -14.52 33.19
N SER C 125 18.19 -14.09 32.54
CA SER C 125 18.71 -12.76 32.80
C SER C 125 17.81 -11.77 32.05
N LYS C 126 17.79 -10.53 32.49
CA LYS C 126 16.95 -9.53 31.86
C LYS C 126 17.73 -8.59 30.96
N ASP C 127 17.09 -8.21 29.86
CA ASP C 127 17.68 -7.31 28.87
C ASP C 127 16.59 -6.46 28.24
N ALA C 128 17.02 -5.47 27.48
CA ALA C 128 16.11 -4.66 26.69
C ALA C 128 15.79 -5.66 25.54
N PHE C 129 14.85 -5.35 24.66
CA PHE C 129 14.54 -6.29 23.61
C PHE C 129 14.02 -5.65 22.33
N LEU C 130 14.18 -6.37 21.23
CA LEU C 130 13.81 -5.91 19.88
C LEU C 130 12.63 -6.68 19.29
N CYS C 131 11.46 -6.05 19.17
CA CYS C 131 10.33 -6.76 18.57
C CYS C 131 10.29 -6.52 17.06
N GLN C 132 9.60 -7.42 16.36
CA GLN C 132 9.46 -7.40 14.92
C GLN C 132 8.01 -7.73 14.59
N CYS C 133 7.38 -6.89 13.80
CA CYS C 133 5.99 -7.10 13.42
C CYS C 133 5.72 -6.83 11.97
N LYS C 134 4.55 -7.29 11.55
CA LYS C 134 4.01 -7.08 10.22
C LYS C 134 2.72 -6.34 10.55
N PHE C 135 2.49 -5.20 9.92
CA PHE C 135 1.25 -4.48 10.19
C PHE C 135 0.34 -4.52 8.96
N ASN D 1 -1.41 -1.27 8.66
CA ASN D 1 -1.54 -0.93 7.21
C ASN D 1 -2.54 -1.87 6.52
N ASN D 2 -2.16 -3.13 6.35
CA ASN D 2 -3.01 -4.12 5.71
C ASN D 2 -4.20 -4.59 6.56
N CYS D 3 -3.97 -4.80 7.85
CA CYS D 3 -5.01 -5.29 8.74
C CYS D 3 -5.16 -4.44 10.00
N PRO D 4 -6.33 -4.56 10.66
CA PRO D 4 -6.58 -3.80 11.90
C PRO D 4 -5.68 -4.45 12.96
N LEU D 5 -5.34 -3.68 13.98
CA LEU D 5 -4.48 -4.12 15.08
C LEU D 5 -4.70 -5.57 15.58
N ASP D 6 -5.94 -5.93 15.86
CA ASP D 6 -6.21 -7.26 16.41
C ASP D 6 -6.39 -8.43 15.44
N TRP D 7 -5.82 -8.30 14.25
CA TRP D 7 -5.88 -9.33 13.24
C TRP D 7 -4.45 -9.73 12.87
N LEU D 8 -4.27 -11.01 12.54
CA LEU D 8 -2.94 -11.52 12.16
C LEU D 8 -2.77 -11.37 10.64
N PRO D 9 -1.76 -10.60 10.21
CA PRO D 9 -1.58 -10.46 8.76
C PRO D 9 -0.71 -11.56 8.18
N MET D 10 -1.17 -12.21 7.12
CA MET D 10 -0.36 -13.23 6.47
C MET D 10 -0.72 -13.39 4.99
N ASN D 11 0.31 -13.29 4.14
CA ASN D 11 0.17 -13.44 2.69
C ASN D 11 -1.00 -12.64 2.12
N GLY D 12 -1.04 -11.34 2.43
CA GLY D 12 -2.11 -10.49 1.93
C GLY D 12 -3.46 -10.56 2.64
N LEU D 13 -3.66 -11.58 3.49
CA LEU D 13 -4.94 -11.70 4.18
C LEU D 13 -4.83 -11.38 5.68
N CYS D 14 -5.96 -11.33 6.36
CA CYS D 14 -6.00 -11.01 7.79
C CYS D 14 -6.79 -12.08 8.49
N TYR D 15 -6.25 -12.58 9.60
CA TYR D 15 -6.89 -13.64 10.36
C TYR D 15 -7.18 -13.29 11.83
N LYS D 16 -8.32 -13.77 12.33
CA LYS D 16 -8.68 -13.54 13.71
C LYS D 16 -9.49 -14.70 14.31
N ILE D 17 -9.11 -15.15 15.51
CA ILE D 17 -9.92 -16.20 16.15
C ILE D 17 -11.02 -15.54 16.96
N PHE D 18 -12.19 -16.15 16.93
CA PHE D 18 -13.31 -15.67 17.71
C PHE D 18 -13.53 -16.77 18.74
N ASN D 19 -13.66 -16.36 20.00
CA ASN D 19 -13.85 -17.31 21.09
C ASN D 19 -15.27 -17.81 21.24
N GLN D 20 -16.23 -17.11 20.63
CA GLN D 20 -17.63 -17.51 20.69
C GLN D 20 -17.80 -18.90 20.07
N LEU D 21 -18.75 -19.66 20.61
CA LEU D 21 -18.98 -21.02 20.13
C LEU D 21 -20.13 -21.13 19.14
N LYS D 22 -19.90 -21.81 18.03
CA LYS D 22 -20.92 -21.99 16.98
C LYS D 22 -20.73 -23.27 16.15
N THR D 23 -21.78 -23.63 15.41
CA THR D 23 -21.71 -24.79 14.53
C THR D 23 -20.81 -24.35 13.38
N TRP D 24 -20.38 -25.28 12.55
CA TRP D 24 -19.51 -24.91 11.45
C TRP D 24 -20.21 -23.93 10.51
N GLU D 25 -21.44 -24.26 10.16
CA GLU D 25 -22.26 -23.46 9.25
C GLU D 25 -22.49 -22.06 9.80
N ASP D 26 -22.83 -21.96 11.07
CA ASP D 26 -23.08 -20.66 11.71
C ASP D 26 -21.81 -19.84 11.75
N ALA D 27 -20.66 -20.50 11.88
CA ALA D 27 -19.40 -19.81 11.94
C ALA D 27 -19.05 -19.20 10.57
N GLU D 28 -19.34 -19.93 9.49
CA GLU D 28 -19.07 -19.46 8.13
C GLU D 28 -19.94 -18.25 7.77
N MET D 29 -21.24 -18.32 8.09
CA MET D 29 -22.16 -17.20 7.80
C MET D 29 -21.68 -15.98 8.59
N PHE D 30 -21.31 -16.17 9.86
CA PHE D 30 -20.83 -15.05 10.67
C PHE D 30 -19.61 -14.43 10.02
N CYS D 31 -18.62 -15.23 9.63
CA CYS D 31 -17.46 -14.62 8.99
C CYS D 31 -17.87 -13.83 7.74
N ARG D 32 -18.66 -14.45 6.86
CA ARG D 32 -19.12 -13.82 5.63
C ARG D 32 -19.85 -12.49 5.90
N LYS D 33 -20.70 -12.48 6.93
CA LYS D 33 -21.49 -11.30 7.30
C LYS D 33 -20.76 -10.33 8.20
N TYR D 34 -19.52 -10.64 8.56
CA TYR D 34 -18.78 -9.77 9.45
C TYR D 34 -18.33 -8.49 8.75
N LYS D 35 -17.83 -8.66 7.54
CA LYS D 35 -17.34 -7.56 6.72
C LYS D 35 -17.23 -8.16 5.31
N PRO D 36 -17.50 -7.38 4.26
CA PRO D 36 -17.41 -7.93 2.90
C PRO D 36 -16.03 -8.48 2.52
N GLY D 37 -15.98 -9.75 2.14
CA GLY D 37 -14.73 -10.38 1.77
C GLY D 37 -14.12 -11.25 2.88
N CYS D 38 -14.96 -11.98 3.61
CA CYS D 38 -14.50 -12.86 4.69
C CYS D 38 -15.11 -14.24 4.63
N HIS D 39 -14.34 -15.21 5.14
CA HIS D 39 -14.73 -16.61 5.21
C HIS D 39 -13.97 -17.21 6.38
N LEU D 40 -14.31 -18.44 6.72
CA LEU D 40 -13.55 -19.19 7.72
C LEU D 40 -12.19 -19.34 6.98
N ALA D 41 -11.11 -19.46 7.72
CA ALA D 41 -9.77 -19.55 7.12
C ALA D 41 -9.43 -20.78 6.26
N SER D 42 -8.57 -20.55 5.26
CA SER D 42 -8.08 -21.60 4.37
C SER D 42 -6.55 -21.63 4.58
N PHE D 43 -5.96 -22.81 4.50
CA PHE D 43 -4.51 -22.95 4.71
C PHE D 43 -3.81 -23.46 3.43
N HIS D 44 -2.64 -22.91 3.12
CA HIS D 44 -1.93 -23.29 1.90
C HIS D 44 -0.44 -23.59 2.05
N ARG D 45 0.07 -23.57 3.27
CA ARG D 45 1.48 -23.87 3.53
C ARG D 45 1.67 -24.21 5.00
N TYR D 46 2.71 -25.00 5.28
CA TYR D 46 3.01 -25.43 6.65
C TYR D 46 3.29 -24.27 7.59
N GLY D 47 4.04 -23.29 7.11
CA GLY D 47 4.36 -22.12 7.92
C GLY D 47 3.11 -21.42 8.43
N GLU D 48 2.07 -21.44 7.61
CA GLU D 48 0.78 -20.83 7.95
C GLU D 48 0.17 -21.60 9.11
N SER D 49 0.18 -22.93 9.01
CA SER D 49 -0.39 -23.77 10.06
C SER D 49 0.26 -23.51 11.40
N LEU D 50 1.58 -23.38 11.40
CA LEU D 50 2.32 -23.16 12.63
C LEU D 50 2.16 -21.75 13.18
N GLU D 51 2.19 -20.74 12.30
CA GLU D 51 2.04 -19.36 12.77
C GLU D 51 0.63 -19.18 13.31
N ILE D 52 -0.34 -19.82 12.67
CA ILE D 52 -1.74 -19.76 13.09
C ILE D 52 -1.94 -20.45 14.44
N ALA D 53 -1.42 -21.67 14.56
CA ALA D 53 -1.54 -22.47 15.79
C ALA D 53 -0.99 -21.72 16.99
N GLU D 54 0.18 -21.12 16.83
CA GLU D 54 0.79 -20.36 17.90
C GLU D 54 -0.07 -19.14 18.29
N TYR D 55 -0.59 -18.45 17.27
CA TYR D 55 -1.45 -17.27 17.46
C TYR D 55 -2.69 -17.64 18.29
N ILE D 56 -3.34 -18.74 17.95
CA ILE D 56 -4.53 -19.20 18.68
C ILE D 56 -4.17 -19.62 20.10
N SER D 57 -3.04 -20.29 20.26
CA SER D 57 -2.59 -20.72 21.58
C SER D 57 -2.38 -19.51 22.48
N ASP D 58 -1.88 -18.41 21.90
CA ASP D 58 -1.63 -17.19 22.65
C ASP D 58 -2.83 -16.29 22.89
N TYR D 59 -3.76 -16.25 21.92
CA TYR D 59 -4.91 -15.38 22.05
C TYR D 59 -6.24 -16.03 22.38
N HIS D 60 -6.26 -17.35 22.45
CA HIS D 60 -7.49 -18.04 22.76
C HIS D 60 -7.39 -18.80 24.08
N LYS D 61 -8.29 -18.49 24.99
CA LYS D 61 -8.33 -19.16 26.30
C LYS D 61 -9.30 -20.33 26.22
N GLY D 62 -8.88 -21.48 26.74
CA GLY D 62 -9.72 -22.66 26.73
C GLY D 62 -9.15 -23.76 25.87
N GLN D 63 -9.79 -24.93 25.90
CA GLN D 63 -9.34 -26.07 25.13
C GLN D 63 -10.33 -26.42 24.00
N GLU D 64 -11.25 -25.50 23.73
CA GLU D 64 -12.24 -25.70 22.67
C GLU D 64 -11.55 -25.76 21.31
N ASN D 65 -12.06 -26.59 20.40
CA ASN D 65 -11.46 -26.70 19.07
C ASN D 65 -11.91 -25.53 18.19
N VAL D 66 -11.19 -25.29 17.11
CA VAL D 66 -11.46 -24.15 16.23
C VAL D 66 -11.84 -24.52 14.79
N TRP D 67 -13.02 -24.09 14.37
CA TRP D 67 -13.49 -24.36 12.99
C TRP D 67 -12.67 -23.58 11.97
N ILE D 68 -12.36 -24.23 10.84
CA ILE D 68 -11.65 -23.59 9.73
C ILE D 68 -12.52 -23.84 8.48
N GLY D 69 -12.17 -23.23 7.34
CA GLY D 69 -12.99 -23.33 6.15
C GLY D 69 -13.10 -24.58 5.28
N LEU D 70 -12.43 -25.67 5.66
CA LEU D 70 -12.45 -26.89 4.86
C LEU D 70 -13.66 -27.75 5.18
N ARG D 71 -14.25 -28.31 4.13
CA ARG D 71 -15.42 -29.14 4.31
C ARG D 71 -15.64 -30.07 3.12
N ASP D 72 -16.45 -31.10 3.35
CA ASP D 72 -16.75 -32.10 2.35
C ASP D 72 -18.27 -32.15 2.17
N LYS D 73 -18.79 -31.29 1.30
CA LYS D 73 -20.24 -31.23 1.07
C LYS D 73 -20.76 -32.44 0.30
N LYS D 74 -20.00 -32.90 -0.69
CA LYS D 74 -20.40 -34.07 -1.47
C LYS D 74 -20.31 -35.35 -0.63
N LYS D 75 -19.76 -35.21 0.58
CA LYS D 75 -19.59 -36.31 1.52
C LYS D 75 -18.81 -37.50 0.96
N ASP D 76 -17.68 -37.24 0.30
CA ASP D 76 -16.89 -38.32 -0.24
C ASP D 76 -15.42 -37.97 -0.35
N PHE D 77 -14.93 -37.31 0.69
CA PHE D 77 -13.53 -36.90 0.79
C PHE D 77 -13.05 -35.93 -0.27
N SER D 78 -13.91 -34.99 -0.64
CA SER D 78 -13.55 -33.94 -1.59
C SER D 78 -13.66 -32.66 -0.77
N TRP D 79 -12.57 -32.37 -0.05
CA TRP D 79 -12.48 -31.21 0.82
C TRP D 79 -12.25 -29.91 0.05
N GLU D 80 -13.09 -28.93 0.29
CA GLU D 80 -12.97 -27.65 -0.39
C GLU D 80 -13.11 -26.48 0.57
N TRP D 81 -12.37 -25.41 0.27
CA TRP D 81 -12.41 -24.20 1.09
C TRP D 81 -13.58 -23.29 0.68
N THR D 82 -14.21 -22.69 1.67
CA THR D 82 -15.33 -21.79 1.43
C THR D 82 -14.88 -20.55 0.68
N ASP D 83 -13.60 -20.21 0.76
CA ASP D 83 -13.10 -19.04 0.06
C ASP D 83 -12.75 -19.32 -1.39
N ARG D 84 -13.02 -20.55 -1.82
CA ARG D 84 -12.77 -20.97 -3.20
C ARG D 84 -11.31 -21.09 -3.63
N SER D 85 -10.42 -21.21 -2.66
CA SER D 85 -8.99 -21.34 -2.96
C SER D 85 -8.67 -22.80 -3.25
N CYS D 86 -7.47 -23.05 -3.78
CA CYS D 86 -7.07 -24.43 -4.09
C CYS D 86 -6.78 -25.27 -2.86
N THR D 87 -7.09 -26.56 -2.95
CA THR D 87 -6.81 -27.48 -1.87
C THR D 87 -5.44 -28.08 -2.23
N ASP D 88 -4.41 -27.25 -2.15
CA ASP D 88 -3.03 -27.64 -2.48
C ASP D 88 -2.15 -27.90 -1.25
N TYR D 89 -2.80 -28.22 -0.13
CA TYR D 89 -2.12 -28.47 1.14
C TYR D 89 -3.06 -29.07 2.19
N LEU D 90 -2.53 -29.98 3.00
CA LEU D 90 -3.29 -30.66 4.05
C LEU D 90 -2.42 -30.96 5.26
N THR D 91 -3.07 -31.21 6.40
CA THR D 91 -2.36 -31.54 7.64
C THR D 91 -3.34 -32.15 8.62
N TRP D 92 -3.83 -33.33 8.25
CA TRP D 92 -4.77 -34.05 9.09
C TRP D 92 -4.08 -34.62 10.30
N ASP D 93 -4.84 -34.78 11.39
CA ASP D 93 -4.29 -35.34 12.61
C ASP D 93 -4.07 -36.84 12.32
N LYS D 94 -3.57 -37.57 13.32
CA LYS D 94 -3.32 -39.00 13.18
C LYS D 94 -4.61 -39.78 12.94
N ASN D 95 -4.67 -40.51 11.82
CA ASN D 95 -5.84 -41.31 11.45
C ASN D 95 -7.01 -40.48 10.92
N GLN D 96 -6.69 -39.33 10.32
CA GLN D 96 -7.72 -38.44 9.80
C GLN D 96 -7.45 -38.11 8.32
N PRO D 97 -8.51 -37.79 7.57
CA PRO D 97 -9.90 -37.75 8.04
C PRO D 97 -10.48 -39.15 8.06
N ASP D 98 -11.46 -39.38 8.94
CA ASP D 98 -12.07 -40.71 9.07
C ASP D 98 -13.58 -40.75 8.88
N HIS D 99 -14.19 -39.62 8.53
CA HIS D 99 -15.64 -39.57 8.33
C HIS D 99 -16.31 -40.41 9.41
N TYR D 100 -15.84 -40.27 10.65
CA TYR D 100 -16.38 -41.02 11.77
C TYR D 100 -17.90 -41.13 11.72
N GLN D 101 -18.41 -42.36 11.90
CA GLN D 101 -19.85 -42.63 11.88
C GLN D 101 -20.54 -42.01 10.68
N ASN D 102 -19.76 -41.66 9.67
CA ASN D 102 -20.29 -41.06 8.45
C ASN D 102 -21.09 -39.78 8.76
N LYS D 103 -20.64 -39.03 9.76
CA LYS D 103 -21.32 -37.79 10.18
C LYS D 103 -20.38 -36.60 10.31
N GLU D 104 -19.13 -36.78 9.89
CA GLU D 104 -18.14 -35.73 9.98
C GLU D 104 -17.69 -35.20 8.62
N PHE D 105 -18.10 -33.97 8.31
CA PHE D 105 -17.74 -33.36 7.04
C PHE D 105 -17.18 -31.93 7.15
N CYS D 106 -17.00 -31.46 8.38
CA CYS D 106 -16.47 -30.11 8.65
C CYS D 106 -15.13 -30.22 9.38
N VAL D 107 -14.14 -29.43 8.99
CA VAL D 107 -12.81 -29.50 9.61
C VAL D 107 -12.56 -28.53 10.78
N GLU D 108 -11.82 -29.02 11.76
CA GLU D 108 -11.51 -28.24 12.95
C GLU D 108 -10.04 -28.41 13.30
N LEU D 109 -9.49 -27.38 13.93
CA LEU D 109 -8.10 -27.41 14.38
C LEU D 109 -8.18 -28.12 15.73
N VAL D 110 -7.29 -29.08 15.96
CA VAL D 110 -7.35 -29.83 17.21
C VAL D 110 -6.55 -29.17 18.34
N SER D 111 -7.28 -28.73 19.37
CA SER D 111 -6.70 -28.09 20.54
C SER D 111 -5.53 -28.93 21.11
N LEU D 112 -5.77 -30.23 21.31
CA LEU D 112 -4.75 -31.14 21.84
C LEU D 112 -3.43 -31.16 21.05
N THR D 113 -3.47 -30.70 19.82
CA THR D 113 -2.26 -30.67 18.99
C THR D 113 -1.70 -29.24 18.92
N GLY D 114 -2.11 -28.40 19.87
CA GLY D 114 -1.65 -27.03 19.86
C GLY D 114 -2.27 -26.30 18.67
N TYR D 115 -3.42 -26.79 18.22
CA TYR D 115 -4.15 -26.23 17.08
C TYR D 115 -3.41 -26.36 15.74
N ARG D 116 -2.52 -27.33 15.65
CA ARG D 116 -1.74 -27.52 14.42
C ARG D 116 -2.31 -28.56 13.46
N LEU D 117 -3.02 -29.56 13.99
CA LEU D 117 -3.58 -30.60 13.13
C LEU D 117 -5.08 -30.52 12.89
N TRP D 118 -5.51 -31.05 11.75
CA TRP D 118 -6.92 -31.01 11.37
C TRP D 118 -7.65 -32.30 11.69
N ASN D 119 -8.95 -32.16 11.90
CA ASN D 119 -9.79 -33.29 12.19
C ASN D 119 -11.19 -33.06 11.60
N ASP D 120 -11.69 -34.04 10.84
CA ASP D 120 -13.03 -33.89 10.32
C ASP D 120 -13.95 -34.13 11.52
N GLN D 121 -14.99 -33.32 11.64
CA GLN D 121 -15.86 -33.38 12.80
C GLN D 121 -17.33 -33.16 12.46
N VAL D 122 -18.19 -33.41 13.43
CA VAL D 122 -19.61 -33.19 13.26
C VAL D 122 -19.79 -31.68 13.08
N CYS D 123 -20.52 -31.28 12.04
CA CYS D 123 -20.73 -29.87 11.75
C CYS D 123 -21.60 -29.16 12.81
N GLU D 124 -22.48 -29.92 13.47
CA GLU D 124 -23.33 -29.36 14.50
C GLU D 124 -22.63 -29.15 15.86
N SER D 125 -21.37 -29.54 15.93
CA SER D 125 -20.57 -29.36 17.16
C SER D 125 -20.38 -27.86 17.36
N LYS D 126 -20.23 -27.45 18.62
CA LYS D 126 -19.99 -26.05 18.93
C LYS D 126 -18.50 -25.84 19.19
N ASP D 127 -17.85 -25.11 18.29
CA ASP D 127 -16.42 -24.79 18.38
C ASP D 127 -16.23 -23.28 18.30
N ALA D 128 -15.01 -22.84 18.57
CA ALA D 128 -14.67 -21.43 18.43
C ALA D 128 -14.38 -21.43 16.91
N PHE D 129 -13.95 -20.30 16.33
CA PHE D 129 -13.69 -20.30 14.90
C PHE D 129 -12.71 -19.22 14.44
N LEU D 130 -12.04 -19.50 13.31
CA LEU D 130 -11.05 -18.59 12.74
C LEU D 130 -11.54 -17.96 11.45
N CYS D 131 -11.72 -16.64 11.45
CA CYS D 131 -12.14 -15.93 10.24
C CYS D 131 -10.92 -15.43 9.48
N GLN D 132 -11.11 -15.27 8.17
CA GLN D 132 -10.09 -14.81 7.24
C GLN D 132 -10.75 -13.70 6.41
N CYS D 133 -10.16 -12.51 6.41
CA CYS D 133 -10.69 -11.35 5.69
C CYS D 133 -9.67 -10.55 4.89
N LYS D 134 -10.17 -9.85 3.87
CA LYS D 134 -9.38 -8.95 3.04
C LYS D 134 -9.84 -7.58 3.53
N PHE D 135 -8.93 -6.64 3.75
CA PHE D 135 -9.33 -5.30 4.20
C PHE D 135 -9.00 -4.16 3.19
N ASN E 1 -5.45 -0.44 4.85
CA ASN E 1 -6.61 -1.16 4.24
C ASN E 1 -6.83 -0.54 2.85
N ASN E 2 -7.26 -1.35 1.90
CA ASN E 2 -7.51 -0.85 0.54
C ASN E 2 -8.86 -0.19 0.36
N CYS E 3 -9.82 -0.54 1.22
CA CYS E 3 -11.18 -0.02 1.12
C CYS E 3 -11.83 0.29 2.46
N PRO E 4 -12.90 1.09 2.45
CA PRO E 4 -13.59 1.42 3.70
C PRO E 4 -14.14 0.06 4.15
N LEU E 5 -14.38 -0.09 5.45
CA LEU E 5 -14.87 -1.35 6.01
C LEU E 5 -16.14 -1.95 5.43
N ASP E 6 -17.03 -1.15 4.87
CA ASP E 6 -18.26 -1.74 4.32
C ASP E 6 -18.20 -1.92 2.80
N TRP E 7 -16.99 -1.92 2.24
CA TRP E 7 -16.80 -2.13 0.79
C TRP E 7 -16.00 -3.41 0.58
N LEU E 8 -16.21 -4.07 -0.55
CA LEU E 8 -15.50 -5.28 -0.89
C LEU E 8 -14.22 -5.01 -1.72
N PRO E 9 -13.03 -5.30 -1.17
CA PRO E 9 -11.77 -5.08 -1.90
C PRO E 9 -11.64 -6.22 -2.93
N MET E 10 -11.46 -5.89 -4.21
CA MET E 10 -11.32 -6.95 -5.20
C MET E 10 -10.44 -6.51 -6.34
N ASN E 11 -9.32 -7.22 -6.49
CA ASN E 11 -8.34 -6.95 -7.55
C ASN E 11 -8.03 -5.47 -7.73
N GLY E 12 -7.62 -4.81 -6.64
CA GLY E 12 -7.29 -3.39 -6.73
C GLY E 12 -8.44 -2.37 -6.65
N LEU E 13 -9.68 -2.84 -6.67
CA LEU E 13 -10.80 -1.90 -6.60
C LEU E 13 -11.69 -2.18 -5.39
N CYS E 14 -12.67 -1.32 -5.17
CA CYS E 14 -13.60 -1.45 -4.03
C CYS E 14 -15.04 -1.44 -4.52
N TYR E 15 -15.80 -2.44 -4.10
CA TYR E 15 -17.18 -2.59 -4.52
C TYR E 15 -18.20 -2.52 -3.40
N LYS E 16 -19.37 -1.98 -3.68
CA LYS E 16 -20.42 -1.91 -2.67
C LYS E 16 -21.83 -1.92 -3.25
N ILE E 17 -22.70 -2.80 -2.77
CA ILE E 17 -24.08 -2.81 -3.26
C ILE E 17 -24.84 -1.80 -2.45
N PHE E 18 -25.60 -0.94 -3.14
CA PHE E 18 -26.45 0.06 -2.51
C PHE E 18 -27.87 -0.42 -2.63
N ASN E 19 -28.49 -0.64 -1.47
CA ASN E 19 -29.85 -1.13 -1.40
C ASN E 19 -30.91 -0.02 -1.50
N GLN E 20 -30.82 0.72 -2.59
CA GLN E 20 -31.74 1.80 -2.90
C GLN E 20 -32.17 1.54 -4.33
N LEU E 21 -33.44 1.77 -4.63
CA LEU E 21 -33.92 1.52 -5.99
C LEU E 21 -33.78 2.72 -6.92
N LYS E 22 -33.06 2.55 -8.04
CA LYS E 22 -32.88 3.64 -9.00
C LYS E 22 -32.89 3.14 -10.44
N THR E 23 -33.09 4.05 -11.38
CA THR E 23 -33.04 3.70 -12.79
C THR E 23 -31.55 3.51 -13.09
N TRP E 24 -31.22 2.87 -14.21
CA TRP E 24 -29.81 2.64 -14.53
C TRP E 24 -28.97 3.95 -14.55
N GLU E 25 -29.48 4.98 -15.20
CA GLU E 25 -28.78 6.27 -15.28
C GLU E 25 -28.62 6.96 -13.93
N ASP E 26 -29.65 6.93 -13.10
CA ASP E 26 -29.55 7.56 -11.78
C ASP E 26 -28.55 6.79 -10.93
N ALA E 27 -28.52 5.47 -11.09
CA ALA E 27 -27.56 4.66 -10.34
C ALA E 27 -26.10 5.00 -10.74
N GLU E 28 -25.84 5.20 -12.04
CA GLU E 28 -24.50 5.54 -12.54
C GLU E 28 -24.11 6.89 -11.92
N MET E 29 -24.98 7.88 -12.08
CA MET E 29 -24.69 9.22 -11.54
C MET E 29 -24.50 9.22 -10.03
N PHE E 30 -25.23 8.38 -9.32
CA PHE E 30 -25.08 8.31 -7.85
C PHE E 30 -23.63 7.86 -7.53
N CYS E 31 -23.20 6.79 -8.18
CA CYS E 31 -21.84 6.26 -7.99
C CYS E 31 -20.82 7.35 -8.37
N ARG E 32 -20.94 7.92 -9.57
CA ARG E 32 -20.00 8.95 -10.04
C ARG E 32 -19.88 10.13 -9.08
N LYS E 33 -21.01 10.57 -8.53
CA LYS E 33 -21.03 11.69 -7.61
C LYS E 33 -20.68 11.30 -6.18
N TYR E 34 -20.46 10.02 -5.90
CA TYR E 34 -20.12 9.63 -4.53
C TYR E 34 -18.72 10.15 -4.17
N LYS E 35 -17.72 9.76 -4.94
CA LYS E 35 -16.35 10.27 -4.73
C LYS E 35 -15.73 10.21 -6.14
N PRO E 36 -14.69 11.01 -6.42
CA PRO E 36 -14.09 10.97 -7.77
C PRO E 36 -13.52 9.60 -8.13
N GLY E 37 -13.93 9.06 -9.27
CA GLY E 37 -13.41 7.77 -9.71
C GLY E 37 -14.27 6.53 -9.49
N CYS E 38 -15.58 6.72 -9.34
CA CYS E 38 -16.50 5.62 -9.10
C CYS E 38 -17.44 5.47 -10.30
N HIS E 39 -18.01 4.28 -10.47
CA HIS E 39 -18.94 4.00 -11.55
C HIS E 39 -19.73 2.79 -11.13
N LEU E 40 -20.75 2.47 -11.90
CA LEU E 40 -21.45 1.20 -11.70
C LEU E 40 -20.29 0.22 -12.04
N ALA E 41 -20.27 -0.93 -11.38
CA ALA E 41 -19.20 -1.91 -11.60
C ALA E 41 -19.04 -2.58 -12.95
N SER E 42 -17.77 -2.84 -13.31
CA SER E 42 -17.42 -3.56 -14.55
C SER E 42 -16.87 -4.92 -14.10
N PHE E 43 -17.02 -5.94 -14.95
CA PHE E 43 -16.58 -7.30 -14.65
C PHE E 43 -15.59 -7.84 -15.70
N HIS E 44 -14.53 -8.51 -15.26
CA HIS E 44 -13.53 -8.98 -16.21
C HIS E 44 -13.08 -10.40 -15.97
N ARG E 45 -13.57 -11.05 -14.91
CA ARG E 45 -13.14 -12.41 -14.61
C ARG E 45 -14.25 -13.23 -13.98
N TYR E 46 -14.18 -14.54 -14.22
CA TYR E 46 -15.15 -15.49 -13.68
C TYR E 46 -15.11 -15.45 -12.14
N GLY E 47 -13.91 -15.34 -11.57
CA GLY E 47 -13.78 -15.30 -10.12
C GLY E 47 -14.51 -14.11 -9.53
N GLU E 48 -14.53 -13.00 -10.27
CA GLU E 48 -15.19 -11.78 -9.82
C GLU E 48 -16.70 -11.98 -9.76
N SER E 49 -17.24 -12.64 -10.78
CA SER E 49 -18.67 -12.91 -10.79
C SER E 49 -19.04 -13.72 -9.56
N LEU E 50 -18.29 -14.78 -9.28
CA LEU E 50 -18.60 -15.62 -8.12
C LEU E 50 -18.47 -14.87 -6.79
N GLU E 51 -17.42 -14.09 -6.65
CA GLU E 51 -17.20 -13.34 -5.44
C GLU E 51 -18.30 -12.27 -5.23
N ILE E 52 -18.61 -11.54 -6.30
CA ILE E 52 -19.65 -10.55 -6.24
C ILE E 52 -21.02 -11.19 -5.98
N ALA E 53 -21.32 -12.29 -6.66
CA ALA E 53 -22.60 -12.98 -6.46
C ALA E 53 -22.79 -13.35 -4.97
N GLU E 54 -21.75 -13.90 -4.36
CA GLU E 54 -21.83 -14.30 -2.97
C GLU E 54 -21.99 -13.07 -2.03
N TYR E 55 -21.21 -12.03 -2.27
CA TYR E 55 -21.26 -10.79 -1.51
C TYR E 55 -22.66 -10.15 -1.57
N ILE E 56 -23.20 -10.05 -2.78
CA ILE E 56 -24.52 -9.48 -2.96
C ILE E 56 -25.60 -10.33 -2.26
N SER E 57 -25.47 -11.65 -2.36
CA SER E 57 -26.41 -12.54 -1.71
C SER E 57 -26.39 -12.33 -0.21
N ASP E 58 -25.19 -12.14 0.34
CA ASP E 58 -25.10 -11.91 1.78
C ASP E 58 -25.48 -10.50 2.23
N TYR E 59 -25.24 -9.48 1.40
CA TYR E 59 -25.54 -8.11 1.83
C TYR E 59 -26.71 -7.40 1.17
N HIS E 60 -27.47 -8.15 0.37
CA HIS E 60 -28.61 -7.61 -0.32
C HIS E 60 -29.70 -8.67 -0.33
N LYS E 61 -30.64 -8.53 0.60
CA LYS E 61 -31.74 -9.46 0.75
C LYS E 61 -32.89 -9.07 -0.16
N GLY E 62 -33.79 -10.02 -0.40
CA GLY E 62 -34.92 -9.74 -1.26
C GLY E 62 -34.68 -10.25 -2.67
N GLN E 63 -35.53 -9.83 -3.59
CA GLN E 63 -35.42 -10.32 -4.96
C GLN E 63 -35.18 -9.25 -6.03
N GLU E 64 -34.79 -8.05 -5.61
CA GLU E 64 -34.55 -6.99 -6.60
C GLU E 64 -33.23 -7.30 -7.33
N ASN E 65 -33.25 -7.09 -8.64
CA ASN E 65 -32.05 -7.29 -9.44
C ASN E 65 -31.11 -6.11 -9.15
N VAL E 66 -29.89 -6.17 -9.69
CA VAL E 66 -28.87 -5.18 -9.43
C VAL E 66 -28.19 -4.65 -10.69
N TRP E 67 -28.25 -3.33 -10.85
CA TRP E 67 -27.63 -2.65 -11.97
C TRP E 67 -26.09 -2.76 -11.94
N ILE E 68 -25.50 -2.99 -13.12
CA ILE E 68 -24.04 -2.99 -13.28
C ILE E 68 -23.75 -2.02 -14.43
N GLY E 69 -22.48 -1.69 -14.66
CA GLY E 69 -22.14 -0.69 -15.67
C GLY E 69 -22.12 -1.00 -17.14
N LEU E 70 -22.79 -2.07 -17.55
CA LEU E 70 -22.80 -2.43 -18.96
C LEU E 70 -24.04 -1.85 -19.64
N ARG E 71 -23.87 -1.25 -20.81
CA ARG E 71 -24.98 -0.67 -21.52
C ARG E 71 -24.68 -0.64 -23.03
N ASP E 72 -25.74 -0.65 -23.82
CA ASP E 72 -25.68 -0.67 -25.29
C ASP E 72 -26.25 0.65 -25.80
N LYS E 73 -25.44 1.69 -25.68
CA LYS E 73 -25.81 3.05 -26.05
C LYS E 73 -26.18 3.17 -27.53
N LYS E 74 -25.45 2.45 -28.38
CA LYS E 74 -25.69 2.51 -29.81
C LYS E 74 -26.90 1.69 -30.22
N LYS E 75 -27.29 0.72 -29.39
CA LYS E 75 -28.47 -0.12 -29.64
C LYS E 75 -28.31 -1.16 -30.75
N ASP E 76 -27.07 -1.58 -30.98
CA ASP E 76 -26.77 -2.56 -32.02
C ASP E 76 -25.90 -3.62 -31.38
N PHE E 77 -26.20 -3.91 -30.11
CA PHE E 77 -25.46 -4.88 -29.34
C PHE E 77 -23.97 -4.54 -29.18
N SER E 78 -23.64 -3.27 -28.98
CA SER E 78 -22.25 -2.91 -28.73
C SER E 78 -22.23 -2.51 -27.24
N TRP E 79 -22.00 -3.53 -26.42
CA TRP E 79 -21.96 -3.41 -24.97
C TRP E 79 -20.68 -2.76 -24.46
N GLU E 80 -20.83 -1.67 -23.71
CA GLU E 80 -19.69 -0.98 -23.15
C GLU E 80 -19.87 -0.68 -21.66
N TRP E 81 -18.76 -0.71 -20.94
CA TRP E 81 -18.76 -0.40 -19.50
C TRP E 81 -18.64 1.10 -19.34
N THR E 82 -19.35 1.64 -18.35
CA THR E 82 -19.29 3.06 -18.05
C THR E 82 -17.90 3.48 -17.55
N ASP E 83 -17.16 2.56 -16.94
CA ASP E 83 -15.79 2.92 -16.49
C ASP E 83 -14.78 2.83 -17.67
N ARG E 84 -15.30 2.62 -18.89
CA ARG E 84 -14.46 2.53 -20.10
C ARG E 84 -13.45 1.38 -20.13
N SER E 85 -13.53 0.44 -19.19
CA SER E 85 -12.64 -0.71 -19.22
C SER E 85 -13.06 -1.57 -20.45
N CYS E 86 -12.23 -2.52 -20.87
CA CYS E 86 -12.57 -3.33 -22.05
C CYS E 86 -13.65 -4.38 -21.76
N THR E 87 -14.52 -4.61 -22.74
CA THR E 87 -15.56 -5.62 -22.62
C THR E 87 -14.83 -6.86 -23.08
N ASP E 88 -14.23 -7.58 -22.14
CA ASP E 88 -13.43 -8.75 -22.45
C ASP E 88 -13.91 -9.97 -21.66
N TYR E 89 -15.13 -9.89 -21.14
CA TYR E 89 -15.71 -10.94 -20.32
C TYR E 89 -17.23 -10.73 -20.30
N LEU E 90 -17.97 -11.80 -20.54
CA LEU E 90 -19.43 -11.75 -20.58
C LEU E 90 -19.99 -12.96 -19.86
N THR E 91 -21.13 -12.80 -19.20
CA THR E 91 -21.73 -13.95 -18.55
C THR E 91 -23.24 -13.77 -18.53
N TRP E 92 -23.79 -13.79 -19.74
CA TRP E 92 -25.23 -13.62 -19.94
C TRP E 92 -26.02 -14.82 -19.43
N ASP E 93 -27.24 -14.53 -19.00
CA ASP E 93 -28.15 -15.53 -18.50
C ASP E 93 -28.71 -16.20 -19.76
N LYS E 94 -29.43 -17.31 -19.57
CA LYS E 94 -30.01 -18.05 -20.70
C LYS E 94 -30.80 -17.15 -21.65
N ASN E 95 -30.47 -17.23 -22.94
CA ASN E 95 -31.16 -16.47 -23.98
C ASN E 95 -31.06 -14.95 -23.93
N GLN E 96 -30.05 -14.44 -23.23
CA GLN E 96 -29.85 -12.99 -23.17
C GLN E 96 -28.51 -12.75 -23.86
N PRO E 97 -28.27 -11.52 -24.34
CA PRO E 97 -29.22 -10.42 -24.26
C PRO E 97 -30.20 -10.57 -25.42
N ASP E 98 -31.40 -10.01 -25.28
CA ASP E 98 -32.38 -10.13 -26.34
C ASP E 98 -33.03 -8.83 -26.77
N HIS E 99 -32.63 -7.70 -26.17
CA HIS E 99 -33.25 -6.41 -26.55
C HIS E 99 -34.78 -6.61 -26.57
N TYR E 100 -35.32 -7.27 -25.53
CA TYR E 100 -36.76 -7.57 -25.52
C TYR E 100 -37.64 -6.38 -25.91
N GLN E 101 -38.42 -6.59 -26.96
CA GLN E 101 -39.36 -5.57 -27.46
C GLN E 101 -38.69 -4.24 -27.84
N ASN E 102 -37.39 -4.31 -28.16
CA ASN E 102 -36.62 -3.14 -28.58
C ASN E 102 -36.57 -2.05 -27.51
N LYS E 103 -36.67 -2.46 -26.26
CA LYS E 103 -36.67 -1.50 -25.18
C LYS E 103 -35.64 -1.77 -24.09
N GLU E 104 -34.81 -2.80 -24.29
CA GLU E 104 -33.82 -3.18 -23.29
C GLU E 104 -32.36 -2.88 -23.68
N PHE E 105 -31.72 -1.93 -23.00
CA PHE E 105 -30.32 -1.59 -23.33
C PHE E 105 -29.33 -1.46 -22.15
N CYS E 106 -29.81 -1.73 -20.94
CA CYS E 106 -29.01 -1.65 -19.73
C CYS E 106 -28.92 -3.04 -19.07
N VAL E 107 -27.78 -3.34 -18.46
CA VAL E 107 -27.58 -4.65 -17.89
C VAL E 107 -27.69 -4.74 -16.37
N GLU E 108 -28.26 -5.85 -15.93
CA GLU E 108 -28.46 -6.09 -14.51
C GLU E 108 -28.04 -7.52 -14.14
N LEU E 109 -27.69 -7.71 -12.87
CA LEU E 109 -27.37 -9.03 -12.32
C LEU E 109 -28.72 -9.60 -11.93
N VAL E 110 -28.97 -10.84 -12.30
CA VAL E 110 -30.26 -11.48 -12.06
C VAL E 110 -30.37 -12.17 -10.71
N SER E 111 -31.24 -11.64 -9.85
CA SER E 111 -31.48 -12.18 -8.52
C SER E 111 -31.76 -13.69 -8.52
N LEU E 112 -32.64 -14.13 -9.41
CA LEU E 112 -32.99 -15.55 -9.50
C LEU E 112 -31.81 -16.45 -9.87
N THR E 113 -30.75 -15.89 -10.44
CA THR E 113 -29.59 -16.72 -10.75
C THR E 113 -28.60 -16.63 -9.58
N GLY E 114 -28.98 -15.95 -8.50
CA GLY E 114 -28.06 -15.78 -7.38
C GLY E 114 -27.09 -14.64 -7.70
N TYR E 115 -27.52 -13.71 -8.55
CA TYR E 115 -26.70 -12.56 -8.98
C TYR E 115 -25.43 -12.98 -9.75
N ARG E 116 -25.45 -14.17 -10.32
CA ARG E 116 -24.32 -14.69 -11.07
C ARG E 116 -24.36 -14.30 -12.54
N LEU E 117 -25.56 -14.30 -13.12
CA LEU E 117 -25.73 -14.04 -14.55
C LEU E 117 -26.40 -12.72 -14.94
N TRP E 118 -26.12 -12.28 -16.16
CA TRP E 118 -26.62 -11.01 -16.68
C TRP E 118 -27.82 -11.04 -17.61
N ASN E 119 -28.52 -9.91 -17.63
CA ASN E 119 -29.71 -9.70 -18.47
C ASN E 119 -29.83 -8.26 -18.94
N ASP E 120 -30.22 -8.02 -20.20
CA ASP E 120 -30.41 -6.63 -20.62
C ASP E 120 -31.84 -6.27 -20.19
N GLN E 121 -32.03 -5.07 -19.63
CA GLN E 121 -33.33 -4.68 -19.07
C GLN E 121 -33.71 -3.26 -19.47
N VAL E 122 -34.99 -2.91 -19.34
CA VAL E 122 -35.48 -1.56 -19.66
C VAL E 122 -34.68 -0.60 -18.73
N CYS E 123 -34.00 0.41 -19.29
CA CYS E 123 -33.16 1.30 -18.45
C CYS E 123 -33.90 2.07 -17.33
N GLU E 124 -35.19 2.30 -17.51
CA GLU E 124 -35.99 3.00 -16.51
C GLU E 124 -36.50 2.12 -15.37
N SER E 125 -36.17 0.84 -15.39
CA SER E 125 -36.62 -0.07 -14.32
C SER E 125 -35.84 0.31 -13.07
N LYS E 126 -36.39 -0.04 -11.91
CA LYS E 126 -35.74 0.27 -10.65
C LYS E 126 -35.07 -1.01 -10.10
N ASP E 127 -33.77 -0.93 -9.88
CA ASP E 127 -32.99 -2.02 -9.33
C ASP E 127 -32.11 -1.42 -8.24
N ALA E 128 -31.52 -2.28 -7.43
CA ALA E 128 -30.53 -1.83 -6.48
C ALA E 128 -29.31 -1.71 -7.41
N PHE E 129 -28.17 -1.28 -6.90
CA PHE E 129 -27.01 -1.13 -7.77
C PHE E 129 -25.68 -1.37 -7.09
N LEU E 130 -24.71 -1.73 -7.92
CA LEU E 130 -23.36 -2.07 -7.47
C LEU E 130 -22.35 -1.01 -7.89
N CYS E 131 -21.83 -0.24 -6.92
CA CYS E 131 -20.81 0.76 -7.23
C CYS E 131 -19.40 0.18 -7.10
N GLN E 132 -18.50 0.76 -7.89
CA GLN E 132 -17.09 0.39 -7.96
C GLN E 132 -16.28 1.69 -7.84
N CYS E 133 -15.32 1.73 -6.94
CA CYS E 133 -14.52 2.94 -6.77
C CYS E 133 -13.07 2.61 -6.60
N LYS E 134 -12.25 3.59 -6.91
CA LYS E 134 -10.82 3.47 -6.71
C LYS E 134 -10.61 4.42 -5.52
N PHE E 135 -10.07 3.91 -4.41
CA PHE E 135 -9.79 4.76 -3.25
C PHE E 135 -8.27 5.01 -3.19
C2 BGC F . -15.12 28.26 -32.21
C3 BGC F . -13.69 28.11 -31.69
C4 BGC F . -13.19 29.41 -31.06
C5 BGC F . -14.22 29.89 -30.01
C6 BGC F . -13.87 31.23 -29.38
C1 BGC F . -16.01 28.78 -31.09
O1 BGC F . -17.31 28.95 -31.54
O2 BGC F . -15.60 27.00 -32.67
O3 BGC F . -12.83 27.71 -32.76
O4 BGC F . -11.93 29.18 -30.44
O5 BGC F . -15.51 30.03 -30.62
O6 BGC F . -13.97 32.29 -30.31
C1 GAL F . -10.97 30.18 -30.53
C2 GAL F . -9.87 29.89 -29.51
C3 GAL F . -8.70 30.86 -29.68
C4 GAL F . -8.24 30.94 -31.14
C5 GAL F . -9.45 31.20 -32.07
C6 GAL F . -9.09 31.21 -33.55
O2 GAL F . -10.42 29.98 -28.20
O3 GAL F . -7.62 30.41 -28.87
O4 GAL F . -7.60 29.73 -31.52
O5 GAL F . -10.44 30.16 -31.86
O6 GAL F . -10.03 31.94 -34.33
C2 BGC G . 32.53 29.38 -8.52
C3 BGC G . 32.83 28.03 -7.86
C4 BGC G . 33.11 28.13 -6.35
C5 BGC G . 32.10 29.06 -5.66
C6 BGC G . 32.41 29.36 -4.19
C1 BGC G . 31.54 30.19 -7.66
O1 BGC G . 31.38 31.46 -8.20
O2 BGC G . 31.96 29.16 -9.80
O3 BGC G . 33.95 27.40 -8.50
O4 BGC G . 33.00 26.81 -5.78
O5 BGC G . 32.06 30.33 -6.34
O6 BGC G . 33.61 30.14 -4.05
C1 GAL G . 33.94 26.48 -4.82
C2 GAL G . 33.38 25.33 -3.99
C3 GAL G . 34.44 24.78 -3.04
C4 GAL G . 35.71 24.44 -3.81
C5 GAL G . 36.19 25.69 -4.56
C6 GAL G . 37.46 25.45 -5.36
O2 GAL G . 32.25 25.77 -3.25
O3 GAL G . 33.95 23.60 -2.41
O4 GAL G . 35.44 23.40 -4.75
O5 GAL G . 35.17 26.11 -5.49
O6 GAL G . 37.84 26.61 -6.09
C2 BGC H . 34.72 -10.15 27.89
C3 BGC H . 33.58 -10.98 27.32
C4 BGC H . 32.49 -11.20 28.38
C5 BGC H . 32.05 -9.85 28.98
C6 BGC H . 31.06 -9.98 30.12
C1 BGC H . 34.17 -8.84 28.46
O1 BGC H . 35.19 -8.11 29.03
O2 BGC H . 35.67 -9.86 26.87
O3 BGC H . 34.08 -12.24 26.87
O4 BGC H . 31.36 -11.83 27.77
O5 BGC H . 33.20 -9.13 29.48
O6 BGC H . 31.56 -10.83 31.13
C1 GAL H . 30.79 -12.92 28.42
C2 GAL H . 29.39 -13.18 27.82
C3 GAL H . 28.83 -14.53 28.29
C4 GAL H . 29.85 -15.65 28.08
C5 GAL H . 31.13 -15.26 28.79
C6 GAL H . 32.23 -16.31 28.69
O2 GAL H . 28.51 -12.15 28.21
O3 GAL H . 27.65 -14.83 27.56
O4 GAL H . 30.10 -15.82 26.69
O5 GAL H . 31.66 -14.04 28.22
O6 GAL H . 33.22 -16.11 29.68
C2 BGC I . -8.17 -39.52 20.21
C3 BGC I . -8.69 -38.72 19.01
C4 BGC I . -10.20 -38.47 19.21
C5 BGC I . -10.38 -37.69 20.53
C6 BGC I . -11.84 -37.39 20.85
C1 BGC I . -8.43 -38.71 21.49
O1 BGC I . -8.01 -39.44 22.60
O2 BGC I . -6.77 -39.76 20.06
O3 BGC I . -8.47 -39.45 17.81
O4 BGC I . -10.72 -37.72 18.10
O5 BGC I . -9.84 -38.45 21.64
O6 BGC I . -12.59 -38.58 21.04
C1 GAL I . -11.88 -38.21 17.51
C2 GAL I . -12.34 -37.22 16.43
C3 GAL I . -13.40 -37.82 15.48
C4 GAL I . -13.00 -39.22 15.02
C5 GAL I . -12.70 -40.05 16.25
C6 GAL I . -12.41 -41.52 15.99
O2 GAL I . -12.89 -36.07 17.07
O3 GAL I . -13.55 -36.98 14.33
O4 GAL I . -11.84 -39.13 14.20
O5 GAL I . -11.57 -39.49 16.94
O6 GAL I . -12.74 -42.31 17.13
C2 BGC J . -38.96 -16.30 -17.78
C3 BGC J . -38.01 -15.27 -18.41
C4 BGC J . -38.00 -13.93 -17.60
C5 BGC J . -37.82 -14.24 -16.09
C6 BGC J . -37.89 -13.03 -15.16
C1 BGC J . -38.70 -16.45 -16.28
O1 BGC J . -39.64 -17.29 -15.71
O2 BGC J . -38.79 -17.56 -18.42
O3 BGC J . -38.40 -15.03 -19.75
O4 BGC J . -36.90 -13.11 -18.06
O5 BGC J . -38.82 -15.18 -15.65
O6 BGC J . -38.98 -12.19 -15.49
C1 GAL J . -37.18 -12.04 -18.90
C2 GAL J . -36.10 -10.96 -18.81
C3 GAL J . -36.43 -9.82 -19.80
C4 GAL J . -36.63 -10.39 -21.21
C5 GAL J . -37.67 -11.50 -21.17
C6 GAL J . -37.88 -12.18 -22.49
O2 GAL J . -36.05 -10.46 -17.48
O3 GAL J . -35.39 -8.84 -19.81
O4 GAL J . -35.41 -10.93 -21.70
O5 GAL J . -37.22 -12.52 -20.25
O6 GAL J . -39.00 -13.06 -22.42
CA CA K . -5.84 28.68 -29.95
NA NA L . -0.59 12.97 -15.55
CA CA M . 34.58 21.42 -3.65
NA NA N . 17.26 8.23 -1.73
CL CL O . 19.59 7.64 -13.77
CA CA P . 28.16 -16.50 25.67
NA NA Q . 13.66 -10.29 10.55
CA CA R . -12.63 -37.34 12.31
NA NA S . -5.96 -18.29 3.79
CA CA T . -33.38 -9.20 -21.53
NA NA U . -14.57 -3.85 -11.93
#